data_6PTU
#
_entry.id   6PTU
#
_cell.length_a   58.497
_cell.length_b   106.656
_cell.length_c   94.659
_cell.angle_alpha   90.000
_cell.angle_beta   107.600
_cell.angle_gamma   90.000
#
_symmetry.space_group_name_H-M   'P 1 21 1'
#
loop_
_entity.id
_entity.type
_entity.pdbx_description
1 polymer 'Class D Carbapenemase OXA-48'
2 non-polymer 'CHLORIDE ION'
3 non-polymer Imipenem
4 water water
#
_entity_poly.entity_id   1
_entity_poly.type   'polypeptide(L)'
_entity_poly.pdbx_seq_one_letter_code
;MKHHHHHHMHHHHHHENLYFQGWQENKSWNAHFTEHKSQGVVVLWNENKQQGFTNNLKRANQAFLPASTFKIPNSLIALD
LGVVKDEHQVFKWDGQTRDIATWNRDHNLITAMKYSVVPVYQEFARQIGEARMSKMLHAFDYGNEDISGNVDSFWLDGGI
RISATEQISFLRKLYHNKLHVSERSQRIVKQAMLTEANGDYIIRAKTGYSTRIEPKIGWWVGWVELDDNVWFFAMNMDMP
TSDGLGLRQAITKEVLKQEKIIP
;
_entity_poly.pdbx_strand_id   A,B,C,D
#
loop_
_chem_comp.id
_chem_comp.type
_chem_comp.name
_chem_comp.formula
CL non-polymer 'CHLORIDE ION' 'Cl -1'
ID1 non-polymer Imipenem 'C12 H19 N3 O4 S'
#
# COMPACT_ATOMS: atom_id res chain seq x y z
N GLN A 21 -17.49 30.76 2.94
CA GLN A 21 -16.38 31.10 3.83
C GLN A 21 -15.50 29.89 4.09
N GLY A 22 -16.11 28.72 4.28
CA GLY A 22 -15.38 27.54 4.71
C GLY A 22 -15.07 27.60 6.19
N TRP A 23 -14.05 28.36 6.55
CA TRP A 23 -13.64 28.52 7.95
C TRP A 23 -14.51 29.55 8.64
N GLN A 24 -14.81 29.31 9.92
CA GLN A 24 -15.50 30.30 10.73
C GLN A 24 -14.48 31.14 11.49
N GLU A 25 -14.71 32.44 11.56
CA GLU A 25 -13.86 33.35 12.33
C GLU A 25 -14.47 33.57 13.70
N ASN A 26 -13.63 33.49 14.74
CA ASN A 26 -14.06 33.72 16.13
C ASN A 26 -13.12 34.75 16.73
N LYS A 27 -13.49 36.02 16.63
CA LYS A 27 -12.61 37.09 17.08
C LYS A 27 -12.43 37.13 18.59
N SER A 28 -13.32 36.47 19.35
CA SER A 28 -13.20 36.52 20.80
C SER A 28 -11.88 35.92 21.29
N TRP A 29 -11.28 34.99 20.53
CA TRP A 29 -9.99 34.43 20.94
C TRP A 29 -8.87 35.47 20.94
N ASN A 30 -9.06 36.60 20.26
CA ASN A 30 -8.06 37.68 20.32
C ASN A 30 -7.86 38.16 21.76
N ALA A 31 -8.85 38.00 22.62
CA ALA A 31 -8.70 38.37 24.03
C ALA A 31 -7.53 37.63 24.67
N HIS A 32 -7.32 36.37 24.31
CA HIS A 32 -6.22 35.63 24.92
C HIS A 32 -4.86 36.14 24.43
N PHE A 33 -4.78 36.58 23.17
CA PHE A 33 -3.53 37.18 22.71
C PHE A 33 -3.32 38.54 23.37
N THR A 34 -4.36 39.37 23.40
CA THR A 34 -4.23 40.70 23.98
C THR A 34 -3.89 40.64 25.46
N GLU A 35 -4.47 39.67 26.18
CA GLU A 35 -4.18 39.52 27.60
C GLU A 35 -2.68 39.40 27.88
N HIS A 36 -1.92 38.77 26.98
CA HIS A 36 -0.49 38.65 27.14
C HIS A 36 0.29 39.65 26.28
N LYS A 37 -0.36 40.72 25.81
CA LYS A 37 0.27 41.75 24.99
C LYS A 37 0.94 41.12 23.77
N SER A 38 0.20 40.23 23.10
CA SER A 38 0.72 39.47 21.98
C SER A 38 -0.23 39.54 20.80
N GLN A 39 0.28 39.14 19.64
CA GLN A 39 -0.48 39.05 18.39
C GLN A 39 -0.22 37.68 17.77
N GLY A 40 -1.27 37.03 17.29
CA GLY A 40 -1.07 35.80 16.55
C GLY A 40 -2.38 35.18 16.13
N VAL A 41 -2.31 33.92 15.71
CA VAL A 41 -3.47 33.18 15.22
C VAL A 41 -3.49 31.79 15.82
N VAL A 42 -4.68 31.32 16.18
CA VAL A 42 -4.92 29.92 16.47
C VAL A 42 -5.90 29.41 15.43
N VAL A 43 -5.64 28.22 14.91
CA VAL A 43 -6.53 27.56 13.96
C VAL A 43 -6.89 26.20 14.56
N LEU A 44 -8.19 25.85 14.54
CA LEU A 44 -8.65 24.55 15.00
C LEU A 44 -9.41 23.85 13.89
N TRP A 45 -9.36 22.52 13.90
CA TRP A 45 -10.12 21.70 12.96
C TRP A 45 -10.83 20.61 13.72
N ASN A 46 -12.16 20.58 13.59
CA ASN A 46 -12.99 19.54 14.19
C ASN A 46 -13.08 18.40 13.17
N GLU A 47 -12.43 17.27 13.47
CA GLU A 47 -12.35 16.21 12.47
C GLU A 47 -13.71 15.56 12.21
N ASN A 48 -14.50 15.32 13.27
CA ASN A 48 -15.79 14.66 13.08
C ASN A 48 -16.72 15.50 12.20
N LYS A 49 -16.73 16.82 12.40
CA LYS A 49 -17.67 17.70 11.70
C LYS A 49 -17.05 18.35 10.47
N GLN A 50 -15.74 18.20 10.27
CA GLN A 50 -15.05 18.80 9.12
C GLN A 50 -15.26 20.32 9.09
N GLN A 51 -15.09 20.94 10.27
CA GLN A 51 -15.26 22.39 10.41
C GLN A 51 -14.02 23.01 11.03
N GLY A 52 -13.63 24.16 10.51
CA GLY A 52 -12.47 24.88 10.98
C GLY A 52 -12.82 26.22 11.60
N PHE A 53 -12.03 26.62 12.60
CA PHE A 53 -12.23 27.85 13.35
C PHE A 53 -10.90 28.55 13.53
N THR A 54 -10.93 29.88 13.49
CA THR A 54 -9.71 30.66 13.70
C THR A 54 -10.08 32.07 14.12
N ASN A 55 -9.17 32.71 14.87
CA ASN A 55 -9.38 34.10 15.24
C ASN A 55 -9.01 35.09 14.14
N ASN A 56 -8.30 34.65 13.09
CA ASN A 56 -7.83 35.59 12.07
C ASN A 56 -7.65 34.80 10.77
N LEU A 57 -8.66 34.88 9.88
CA LEU A 57 -8.62 34.13 8.63
C LEU A 57 -7.44 34.54 7.77
N LYS A 58 -7.03 35.80 7.83
CA LYS A 58 -5.90 36.25 7.01
C LYS A 58 -4.60 35.66 7.51
N ARG A 59 -4.29 35.84 8.80
CA ARG A 59 -3.04 35.29 9.32
C ARG A 59 -3.07 33.76 9.32
N ALA A 60 -4.26 33.17 9.43
CA ALA A 60 -4.35 31.71 9.38
C ALA A 60 -3.80 31.14 8.08
N ASN A 61 -3.88 31.91 7.00
CA ASN A 61 -3.35 31.48 5.71
C ASN A 61 -2.01 32.11 5.37
N GLN A 62 -1.39 32.84 6.30
CA GLN A 62 -0.08 33.44 6.05
C GLN A 62 1.03 32.41 6.29
N ALA A 63 1.92 32.28 5.31
CA ALA A 63 2.93 31.22 5.27
C ALA A 63 4.25 31.71 5.86
N PHE A 64 4.81 30.96 6.79
CA PHE A 64 6.02 31.31 7.51
C PHE A 64 7.07 30.21 7.36
N LEU A 65 8.29 30.52 7.77
CA LEU A 65 9.27 29.45 7.94
C LEU A 65 8.76 28.45 8.98
N PRO A 66 8.90 27.14 8.74
CA PRO A 66 8.42 26.17 9.73
C PRO A 66 9.31 26.03 10.94
N ALA A 67 10.59 26.39 10.86
CA ALA A 67 11.55 26.18 11.93
C ALA A 67 11.41 24.75 12.47
N SER A 68 11.44 24.57 13.80
CA SER A 68 11.48 23.22 14.35
C SER A 68 10.22 22.40 14.07
N THR A 69 9.13 23.02 13.58
CA THR A 69 7.99 22.17 13.25
C THR A 69 8.28 21.30 12.05
N PHE A 70 9.33 21.62 11.30
CA PHE A 70 9.79 20.79 10.19
C PHE A 70 10.39 19.48 10.67
N LYS A 71 10.70 19.34 11.96
CA LYS A 71 11.09 18.04 12.49
C LYS A 71 10.04 16.95 12.23
N ILE A 72 8.79 17.31 11.99
CA ILE A 72 7.81 16.26 11.74
C ILE A 72 8.02 15.64 10.35
N PRO A 73 8.04 16.41 9.25
CA PRO A 73 8.30 15.75 7.96
C PRO A 73 9.72 15.21 7.83
N ASN A 74 10.70 15.88 8.43
CA ASN A 74 12.09 15.42 8.40
C ASN A 74 12.24 14.07 9.10
N SER A 75 11.56 13.89 10.26
CA SER A 75 11.55 12.59 10.92
C SER A 75 10.93 11.51 10.03
N LEU A 76 9.77 11.82 9.43
CA LEU A 76 9.09 10.86 8.57
C LEU A 76 9.98 10.41 7.42
N ILE A 77 10.66 11.37 6.78
CA ILE A 77 11.48 11.06 5.62
C ILE A 77 12.70 10.24 6.04
N ALA A 78 13.35 10.64 7.13
CA ALA A 78 14.53 9.93 7.58
C ALA A 78 14.20 8.48 7.92
N LEU A 79 13.06 8.25 8.58
CA LEU A 79 12.63 6.90 8.90
C LEU A 79 12.38 6.08 7.63
N ASP A 80 11.64 6.65 6.68
CA ASP A 80 11.23 5.89 5.51
C ASP A 80 12.42 5.55 4.63
N LEU A 81 13.43 6.41 4.60
CA LEU A 81 14.67 6.16 3.88
C LEU A 81 15.70 5.42 4.70
N GLY A 82 15.36 5.01 5.92
CA GLY A 82 16.31 4.25 6.72
C GLY A 82 17.49 5.04 7.24
N VAL A 83 17.41 6.38 7.17
CA VAL A 83 18.39 7.23 7.85
C VAL A 83 18.27 7.04 9.36
N VAL A 84 17.04 6.91 9.85
CA VAL A 84 16.74 6.53 11.23
C VAL A 84 16.18 5.12 11.20
N LYS A 85 16.81 4.20 11.94
CA LYS A 85 16.34 2.82 11.96
C LYS A 85 15.13 2.66 12.85
N ASP A 86 15.14 3.29 14.02
CA ASP A 86 14.00 3.24 14.93
C ASP A 86 14.18 4.33 15.97
N GLU A 87 13.23 4.41 16.89
CA GLU A 87 13.20 5.44 17.91
C GLU A 87 14.21 5.22 19.02
N HIS A 88 14.94 4.10 19.02
CA HIS A 88 15.98 3.84 20.02
C HIS A 88 17.39 4.09 19.50
N GLN A 89 17.56 4.29 18.20
CA GLN A 89 18.90 4.53 17.66
C GLN A 89 19.48 5.80 18.26
N VAL A 90 20.73 5.71 18.72
CA VAL A 90 21.38 6.83 19.41
C VAL A 90 22.17 7.63 18.40
N PHE A 91 21.99 8.96 18.42
CA PHE A 91 22.77 9.87 17.59
C PHE A 91 23.76 10.60 18.50
N LYS A 92 25.04 10.23 18.37
CA LYS A 92 26.08 10.70 19.27
C LYS A 92 26.27 12.21 19.13
N TRP A 93 26.42 12.88 20.28
CA TRP A 93 26.78 14.28 20.28
C TRP A 93 28.11 14.48 19.55
N ASP A 94 28.18 15.53 18.74
CA ASP A 94 29.39 15.76 17.96
C ASP A 94 30.49 16.45 18.76
N GLY A 95 30.26 16.72 20.05
CA GLY A 95 31.26 17.31 20.90
C GLY A 95 31.33 18.82 20.86
N GLN A 96 30.61 19.46 19.95
CA GLN A 96 30.61 20.91 19.85
C GLN A 96 29.59 21.49 20.82
N THR A 97 30.04 22.33 21.75
CA THR A 97 29.16 22.89 22.76
C THR A 97 28.30 24.00 22.15
N ARG A 98 26.99 23.87 22.29
CA ARG A 98 26.03 24.81 21.76
C ARG A 98 25.27 25.46 22.92
N ASP A 99 24.45 26.45 22.59
CA ASP A 99 23.90 27.35 23.61
C ASP A 99 22.76 26.72 24.42
N ILE A 100 22.00 25.81 23.83
CA ILE A 100 21.00 25.07 24.58
C ILE A 100 21.67 23.82 25.14
N ALA A 101 21.69 23.69 26.47
CA ALA A 101 22.48 22.67 27.14
C ALA A 101 21.97 21.26 26.82
N THR A 102 20.66 21.08 26.69
CA THR A 102 20.12 19.76 26.41
C THR A 102 20.61 19.20 25.07
N TRP A 103 21.14 20.06 24.20
CA TRP A 103 21.65 19.59 22.91
C TRP A 103 23.01 18.92 23.02
N ASN A 104 23.73 19.14 24.12
CA ASN A 104 25.13 18.71 24.23
C ASN A 104 25.21 17.35 24.92
N ARG A 105 24.51 16.38 24.33
CA ARG A 105 24.47 15.01 24.82
C ARG A 105 23.99 14.12 23.69
N ASP A 106 24.09 12.82 23.90
CA ASP A 106 23.54 11.85 22.95
C ASP A 106 22.02 11.94 22.96
N HIS A 107 21.42 11.59 21.82
CA HIS A 107 19.96 11.62 21.70
C HIS A 107 19.49 10.47 20.84
N ASN A 108 18.23 10.08 21.05
CA ASN A 108 17.49 9.24 20.10
C ASN A 108 16.37 10.08 19.50
N LEU A 109 15.56 9.46 18.65
CA LEU A 109 14.49 10.20 17.99
C LEU A 109 13.52 10.81 19.00
N ILE A 110 13.29 10.13 20.13
CA ILE A 110 12.33 10.61 21.11
C ILE A 110 12.85 11.86 21.80
N THR A 111 14.10 11.81 22.28
CA THR A 111 14.64 12.93 23.04
C THR A 111 15.04 14.08 22.14
N ALA A 112 15.44 13.79 20.90
CA ALA A 112 15.77 14.86 19.96
C ALA A 112 14.54 15.64 19.54
N MET A 113 13.38 14.99 19.47
CA MET A 113 12.13 15.72 19.24
C MET A 113 11.76 16.54 20.47
N LYS A 114 11.83 15.92 21.65
CA LYS A 114 11.42 16.58 22.89
C LYS A 114 12.24 17.86 23.14
N TYR A 115 13.56 17.78 22.98
CA TYR A 115 14.42 18.94 23.18
C TYR A 115 14.71 19.68 21.89
N SER A 116 14.10 19.28 20.79
CA SER A 116 14.19 20.02 19.53
C SER A 116 15.64 20.22 19.11
N VAL A 117 16.40 19.12 19.10
CA VAL A 117 17.84 19.18 18.89
C VAL A 117 18.15 19.36 17.40
N VAL A 118 18.33 20.62 16.99
CA VAL A 118 18.56 20.94 15.58
C VAL A 118 19.72 20.17 14.95
N PRO A 119 20.93 20.12 15.54
CA PRO A 119 22.06 19.51 14.82
C PRO A 119 21.83 18.04 14.46
N VAL A 120 21.06 17.30 15.24
CA VAL A 120 20.71 15.93 14.85
C VAL A 120 19.89 15.93 13.56
N TYR A 121 18.89 16.82 13.49
CA TYR A 121 18.03 16.88 12.30
C TYR A 121 18.75 17.46 11.10
N GLN A 122 19.76 18.30 11.33
CA GLN A 122 20.55 18.81 10.21
C GLN A 122 21.35 17.68 9.57
N GLU A 123 21.84 16.75 10.39
CA GLU A 123 22.54 15.59 9.85
C GLU A 123 21.59 14.69 9.08
N PHE A 124 20.35 14.52 9.58
CA PHE A 124 19.33 13.78 8.84
C PHE A 124 19.16 14.36 7.43
N ALA A 125 19.00 15.68 7.36
CA ALA A 125 18.75 16.32 6.06
C ALA A 125 19.93 16.14 5.13
N ARG A 126 21.16 16.16 5.67
CA ARG A 126 22.33 15.94 4.83
C ARG A 126 22.33 14.54 4.25
N GLN A 127 21.93 13.55 5.05
CA GLN A 127 21.89 12.16 4.57
C GLN A 127 20.73 11.95 3.61
N ILE A 128 19.59 12.59 3.85
CA ILE A 128 18.49 12.49 2.91
C ILE A 128 18.88 13.07 1.55
N GLY A 129 19.40 14.30 1.55
CA GLY A 129 19.86 14.90 0.31
C GLY A 129 18.79 15.75 -0.37
N GLU A 130 19.27 16.71 -1.18
CA GLU A 130 18.41 17.70 -1.82
C GLU A 130 17.35 17.06 -2.69
N ALA A 131 17.77 16.14 -3.58
CA ALA A 131 16.85 15.57 -4.55
C ALA A 131 15.70 14.82 -3.87
N ARG A 132 16.03 13.95 -2.90
CA ARG A 132 14.98 13.16 -2.24
C ARG A 132 14.15 14.02 -1.28
N MET A 133 14.78 15.00 -0.61
CA MET A 133 14.01 15.91 0.23
C MET A 133 12.97 16.65 -0.61
N SER A 134 13.35 17.07 -1.82
CA SER A 134 12.41 17.81 -2.66
C SER A 134 11.23 16.95 -3.11
N LYS A 135 11.49 15.68 -3.48
CA LYS A 135 10.39 14.86 -3.97
C LYS A 135 9.44 14.49 -2.85
N MET A 136 9.95 14.27 -1.65
CA MET A 136 9.10 13.91 -0.53
C MET A 136 8.24 15.10 -0.10
N LEU A 137 8.79 16.31 -0.09
CA LEU A 137 7.96 17.46 0.26
C LEU A 137 6.87 17.68 -0.78
N HIS A 138 7.16 17.41 -2.06
CA HIS A 138 6.10 17.45 -3.06
C HIS A 138 5.08 16.34 -2.85
N ALA A 139 5.55 15.12 -2.55
CA ALA A 139 4.64 14.04 -2.21
C ALA A 139 3.77 14.41 -1.01
N PHE A 140 4.35 15.09 -0.02
CA PHE A 140 3.62 15.47 1.17
C PHE A 140 2.65 16.64 0.95
N ASP A 141 2.77 17.37 -0.18
CA ASP A 141 2.00 18.59 -0.45
C ASP A 141 2.29 19.66 0.60
N TYR A 142 3.55 19.74 1.03
CA TYR A 142 3.93 20.47 2.23
C TYR A 142 4.22 21.94 1.89
N GLY A 143 3.36 22.84 2.36
CA GLY A 143 3.60 24.27 2.19
C GLY A 143 3.81 24.65 0.74
N ASN A 144 4.82 25.48 0.51
CA ASN A 144 5.13 25.89 -0.87
C ASN A 144 6.13 24.94 -1.53
N GLU A 145 6.49 23.84 -0.86
CA GLU A 145 7.30 22.76 -1.44
C GLU A 145 8.67 23.22 -1.95
N ASP A 146 9.17 24.34 -1.42
CA ASP A 146 10.37 25.02 -1.94
C ASP A 146 11.50 24.82 -0.94
N ILE A 147 12.56 24.12 -1.35
CA ILE A 147 13.65 23.84 -0.43
C ILE A 147 14.89 24.68 -0.74
N SER A 148 14.73 25.76 -1.51
CA SER A 148 15.87 26.60 -1.85
C SER A 148 16.58 27.04 -0.59
N GLY A 149 17.91 27.12 -0.66
CA GLY A 149 18.77 27.39 0.46
C GLY A 149 19.68 26.20 0.73
N ASN A 150 20.27 26.19 1.91
CA ASN A 150 21.16 25.11 2.29
C ASN A 150 20.36 23.84 2.57
N VAL A 151 20.94 22.71 2.19
CA VAL A 151 20.31 21.41 2.41
C VAL A 151 20.00 21.18 3.88
N ASP A 152 20.81 21.76 4.78
CA ASP A 152 20.70 21.51 6.22
C ASP A 152 20.19 22.72 7.01
N SER A 153 19.58 23.71 6.34
CA SER A 153 18.97 24.82 7.07
C SER A 153 17.82 25.48 6.33
N PHE A 154 17.36 24.94 5.20
CA PHE A 154 16.36 25.66 4.39
C PHE A 154 15.08 25.90 5.17
N TRP A 155 14.74 25.03 6.12
CA TRP A 155 13.55 25.22 6.95
C TRP A 155 13.79 26.24 8.07
N LEU A 156 15.03 26.73 8.22
CA LEU A 156 15.38 27.78 9.18
C LEU A 156 15.71 29.11 8.52
N ASP A 157 16.35 29.10 7.34
CA ASP A 157 16.64 30.38 6.68
C ASP A 157 16.62 30.26 5.16
N GLY A 158 15.92 29.28 4.59
CA GLY A 158 15.77 29.15 3.15
C GLY A 158 14.37 29.50 2.67
N GLY A 159 13.92 28.86 1.58
CA GLY A 159 12.70 29.29 0.92
C GLY A 159 11.40 28.61 1.30
N ILE A 160 11.41 27.61 2.18
CA ILE A 160 10.18 26.88 2.48
C ILE A 160 9.27 27.73 3.37
N ARG A 161 7.98 27.75 3.03
CA ARG A 161 6.98 28.53 3.76
C ARG A 161 5.72 27.70 3.91
N ILE A 162 5.09 27.76 5.08
CA ILE A 162 3.87 26.99 5.34
C ILE A 162 2.95 27.81 6.24
N SER A 163 1.66 27.81 5.93
CA SER A 163 0.66 28.49 6.74
C SER A 163 0.12 27.57 7.83
N ALA A 164 -0.58 28.18 8.79
CA ALA A 164 -1.25 27.39 9.84
C ALA A 164 -2.25 26.40 9.24
N THR A 165 -3.10 26.85 8.31
CA THR A 165 -4.06 25.93 7.71
C THR A 165 -3.37 24.84 6.92
N GLU A 166 -2.21 25.14 6.33
CA GLU A 166 -1.46 24.11 5.62
C GLU A 166 -0.85 23.10 6.58
N GLN A 167 -0.47 23.54 7.79
CA GLN A 167 -0.02 22.58 8.79
C GLN A 167 -1.13 21.60 9.14
N ILE A 168 -2.35 22.11 9.31
CA ILE A 168 -3.50 21.25 9.61
C ILE A 168 -3.65 20.19 8.52
N SER A 169 -3.67 20.63 7.27
CA SER A 169 -3.79 19.70 6.15
C SER A 169 -2.75 18.60 6.21
N PHE A 170 -1.49 18.99 6.46
CA PHE A 170 -0.42 18.00 6.55
C PHE A 170 -0.61 17.08 7.77
N LEU A 171 -1.02 17.64 8.90
CA LEU A 171 -1.19 16.84 10.11
C LEU A 171 -2.33 15.85 9.97
N ARG A 172 -3.42 16.26 9.30
CA ARG A 172 -4.54 15.35 9.10
C ARG A 172 -4.11 14.10 8.34
N LYS A 173 -3.30 14.27 7.30
CA LYS A 173 -2.80 13.11 6.56
C LYS A 173 -1.95 12.21 7.46
N LEU A 174 -1.13 12.82 8.32
CA LEU A 174 -0.32 12.03 9.24
C LEU A 174 -1.20 11.26 10.22
N TYR A 175 -2.23 11.91 10.76
CA TYR A 175 -3.10 11.25 11.71
C TYR A 175 -3.74 10.00 11.10
N HIS A 176 -4.12 10.08 9.84
CA HIS A 176 -4.82 8.99 9.17
C HIS A 176 -3.88 8.01 8.46
N ASN A 177 -2.56 8.17 8.62
CA ASN A 177 -1.56 7.31 7.96
C ASN A 177 -1.63 7.42 6.43
N LYS A 178 -1.93 8.63 5.94
CA LYS A 178 -2.19 8.82 4.52
C LYS A 178 -1.03 9.44 3.77
N LEU A 179 0.04 9.85 4.44
CA LEU A 179 1.21 10.35 3.73
C LEU A 179 1.89 9.20 2.99
N HIS A 180 2.64 9.53 1.93
CA HIS A 180 3.28 8.47 1.16
C HIS A 180 4.63 8.11 1.76
N VAL A 181 4.56 7.53 2.96
CA VAL A 181 5.64 6.82 3.62
C VAL A 181 5.00 5.63 4.32
N SER A 182 5.80 4.76 4.92
CA SER A 182 5.24 3.56 5.53
C SER A 182 4.31 3.92 6.69
N GLU A 183 3.35 3.03 6.96
CA GLU A 183 2.56 3.15 8.19
C GLU A 183 3.45 3.17 9.41
N ARG A 184 4.49 2.31 9.44
CA ARG A 184 5.37 2.26 10.61
C ARG A 184 6.08 3.59 10.83
N SER A 185 6.61 4.19 9.76
CA SER A 185 7.22 5.52 9.90
C SER A 185 6.24 6.51 10.52
N GLN A 186 4.99 6.48 10.07
CA GLN A 186 4.02 7.42 10.58
C GLN A 186 3.66 7.12 12.03
N ARG A 187 3.59 5.84 12.40
CA ARG A 187 3.31 5.52 13.80
C ARG A 187 4.44 5.99 14.71
N ILE A 188 5.69 5.78 14.29
CA ILE A 188 6.82 6.17 15.13
C ILE A 188 6.85 7.67 15.36
N VAL A 189 6.58 8.45 14.31
CA VAL A 189 6.63 9.90 14.46
C VAL A 189 5.51 10.38 15.38
N LYS A 190 4.31 9.80 15.25
CA LYS A 190 3.23 10.20 16.16
C LYS A 190 3.56 9.84 17.60
N GLN A 191 4.26 8.72 17.81
CA GLN A 191 4.76 8.39 19.15
C GLN A 191 5.72 9.47 19.65
N ALA A 192 6.70 9.84 18.81
CA ALA A 192 7.65 10.88 19.18
C ALA A 192 7.00 12.25 19.34
N MET A 193 5.82 12.47 18.76
CA MET A 193 5.12 13.74 18.98
C MET A 193 4.39 13.81 20.31
N LEU A 194 4.30 12.71 21.05
CA LEU A 194 3.56 12.71 22.31
C LEU A 194 4.08 13.81 23.24
N THR A 195 3.18 14.68 23.67
CA THR A 195 3.57 15.81 24.52
C THR A 195 2.91 15.76 25.89
N GLU A 196 1.65 15.35 25.97
CA GLU A 196 0.91 15.43 27.21
C GLU A 196 -0.28 14.48 27.14
N ALA A 197 -0.60 13.85 28.26
CA ALA A 197 -1.75 12.96 28.29
C ALA A 197 -2.22 12.74 29.72
N ASN A 198 -3.54 12.73 29.89
CA ASN A 198 -4.17 12.43 31.17
C ASN A 198 -5.42 11.61 30.87
N GLY A 199 -6.24 11.40 31.88
CA GLY A 199 -7.44 10.61 31.64
C GLY A 199 -8.49 11.27 30.78
N ASP A 200 -8.28 12.51 30.34
CA ASP A 200 -9.25 13.23 29.51
C ASP A 200 -8.81 13.41 28.06
N TYR A 201 -7.53 13.69 27.80
CA TYR A 201 -7.09 13.98 26.44
C TYR A 201 -5.64 13.56 26.24
N ILE A 202 -5.26 13.41 24.97
CA ILE A 202 -3.86 13.22 24.57
C ILE A 202 -3.51 14.34 23.62
N ILE A 203 -2.36 14.98 23.85
CA ILE A 203 -1.83 15.98 22.92
C ILE A 203 -0.58 15.42 22.25
N ARG A 204 -0.59 15.38 20.92
CA ARG A 204 0.60 15.13 20.12
C ARG A 204 0.88 16.40 19.33
N ALA A 205 2.12 16.89 19.40
CA ALA A 205 2.38 18.22 18.86
C ALA A 205 3.89 18.46 18.71
N LYS A 206 4.23 19.61 18.12
CA LYS A 206 5.62 20.03 18.00
C LYS A 206 5.71 21.54 18.05
N THR A 207 6.67 22.05 18.84
CA THR A 207 6.90 23.48 18.97
C THR A 207 7.90 23.96 17.92
N GLY A 208 7.84 25.26 17.64
CA GLY A 208 8.78 25.89 16.73
C GLY A 208 9.07 27.31 17.17
N TYR A 209 10.31 27.74 16.92
CA TYR A 209 10.71 29.12 17.23
C TYR A 209 11.58 29.60 16.08
N SER A 210 11.06 30.48 15.24
CA SER A 210 11.75 30.93 14.04
C SER A 210 12.45 32.25 14.33
N THR A 211 13.79 32.24 14.35
CA THR A 211 14.59 33.40 14.76
C THR A 211 15.57 33.92 13.72
N ARG A 212 15.87 33.16 12.66
CA ARG A 212 16.91 33.58 11.73
C ARG A 212 16.44 34.64 10.73
N ILE A 213 15.13 34.72 10.48
CA ILE A 213 14.57 35.62 9.48
C ILE A 213 13.37 36.32 10.11
N GLU A 214 13.24 37.62 9.86
CA GLU A 214 12.13 38.37 10.43
C GLU A 214 10.83 38.01 9.71
N PRO A 215 9.69 38.05 10.41
CA PRO A 215 9.55 38.33 11.84
C PRO A 215 9.73 37.09 12.71
N LYS A 216 10.32 37.28 13.89
CA LYS A 216 10.48 36.17 14.81
C LYS A 216 9.11 35.70 15.32
N ILE A 217 8.83 34.42 15.18
CA ILE A 217 7.53 33.86 15.53
C ILE A 217 7.74 32.55 16.28
N GLY A 218 6.76 32.22 17.13
CA GLY A 218 6.68 30.91 17.75
C GLY A 218 5.54 30.11 17.12
N TRP A 219 5.71 28.79 17.08
CA TRP A 219 4.75 27.86 16.52
C TRP A 219 4.33 26.84 17.57
N TRP A 220 3.10 26.33 17.46
CA TRP A 220 2.71 25.07 18.09
C TRP A 220 1.67 24.40 17.21
N VAL A 221 1.99 23.20 16.70
CA VAL A 221 1.10 22.49 15.77
C VAL A 221 0.93 21.05 16.23
N GLY A 222 -0.26 20.52 16.04
CA GLY A 222 -0.52 19.13 16.45
C GLY A 222 -2.01 18.87 16.54
N TRP A 223 -2.38 18.02 17.49
CA TRP A 223 -3.78 17.72 17.67
C TRP A 223 -4.07 17.25 19.09
N VAL A 224 -5.36 17.27 19.42
CA VAL A 224 -5.89 16.81 20.70
C VAL A 224 -6.81 15.63 20.42
N GLU A 225 -6.49 14.47 20.98
CA GLU A 225 -7.30 13.28 20.84
C GLU A 225 -8.27 13.18 22.00
N LEU A 226 -9.56 13.03 21.70
CA LEU A 226 -10.59 12.72 22.68
C LEU A 226 -11.11 11.33 22.44
N ASP A 227 -12.01 10.89 23.34
CA ASP A 227 -12.64 9.57 23.19
C ASP A 227 -13.33 9.45 21.83
N ASP A 228 -14.07 10.48 21.42
CA ASP A 228 -14.95 10.39 20.26
C ASP A 228 -14.60 11.34 19.13
N ASN A 229 -13.49 12.08 19.22
CA ASN A 229 -13.17 13.09 18.21
C ASN A 229 -11.69 13.41 18.31
N VAL A 230 -11.18 14.08 17.28
CA VAL A 230 -9.85 14.65 17.35
C VAL A 230 -9.92 16.08 16.84
N TRP A 231 -9.25 16.98 17.56
CA TRP A 231 -9.16 18.40 17.22
C TRP A 231 -7.73 18.71 16.81
N PHE A 232 -7.53 19.05 15.54
CA PHE A 232 -6.22 19.49 15.10
C PHE A 232 -6.05 20.97 15.39
N PHE A 233 -4.82 21.39 15.62
CA PHE A 233 -4.56 22.81 15.87
C PHE A 233 -3.22 23.21 15.27
N ALA A 234 -3.15 24.47 14.88
CA ALA A 234 -1.89 25.08 14.46
C ALA A 234 -1.95 26.54 14.87
N MET A 235 -0.92 27.02 15.57
CA MET A 235 -0.88 28.37 16.06
C MET A 235 0.50 28.98 15.80
N ASN A 236 0.52 30.27 15.53
CA ASN A 236 1.79 30.99 15.57
C ASN A 236 1.52 32.39 16.11
N MET A 237 2.57 33.02 16.64
CA MET A 237 2.44 34.30 17.31
C MET A 237 3.78 35.04 17.20
N ASP A 238 3.72 36.37 17.26
CA ASP A 238 4.95 37.16 17.26
C ASP A 238 5.75 36.86 18.53
N MET A 239 7.06 36.70 18.37
CA MET A 239 7.93 36.27 19.46
C MET A 239 9.23 37.06 19.41
N PRO A 240 9.18 38.34 19.82
CA PRO A 240 10.39 39.18 19.72
C PRO A 240 11.52 38.73 20.64
N THR A 241 11.22 38.15 21.80
CA THR A 241 12.24 37.58 22.66
C THR A 241 11.79 36.19 23.10
N SER A 242 12.77 35.42 23.62
CA SER A 242 12.50 34.05 24.02
C SER A 242 11.73 33.95 25.32
N ASP A 243 11.56 35.05 26.05
CA ASP A 243 10.85 34.99 27.32
C ASP A 243 9.36 34.68 27.15
N GLY A 244 8.82 34.80 25.94
CA GLY A 244 7.42 34.55 25.69
C GLY A 244 7.08 33.13 25.24
N LEU A 245 8.07 32.23 25.19
CA LEU A 245 7.87 30.93 24.56
C LEU A 245 6.76 30.14 25.22
N GLY A 246 6.62 30.27 26.55
CA GLY A 246 5.56 29.57 27.26
C GLY A 246 4.17 29.95 26.79
N LEU A 247 4.03 31.12 26.16
CA LEU A 247 2.71 31.57 25.73
C LEU A 247 2.18 30.78 24.54
N ARG A 248 3.04 30.09 23.80
CA ARG A 248 2.57 29.26 22.69
C ARG A 248 1.56 28.23 23.19
N GLN A 249 1.95 27.45 24.21
CA GLN A 249 1.04 26.46 24.76
C GLN A 249 -0.04 27.07 25.64
N ALA A 250 0.27 28.20 26.28
CA ALA A 250 -0.69 28.79 27.22
C ALA A 250 -1.88 29.39 26.49
N ILE A 251 -1.62 30.15 25.42
CA ILE A 251 -2.71 30.75 24.65
C ILE A 251 -3.54 29.67 23.98
N THR A 252 -2.87 28.64 23.44
CA THR A 252 -3.58 27.57 22.76
C THR A 252 -4.52 26.84 23.71
N LYS A 253 -4.06 26.58 24.93
CA LYS A 253 -4.90 25.90 25.92
C LYS A 253 -6.07 26.77 26.37
N GLU A 254 -5.87 28.09 26.44
CA GLU A 254 -6.98 28.99 26.72
C GLU A 254 -8.06 28.89 25.65
N VAL A 255 -7.66 28.78 24.38
CA VAL A 255 -8.65 28.61 23.32
C VAL A 255 -9.31 27.24 23.42
N LEU A 256 -8.51 26.20 23.68
CA LEU A 256 -9.07 24.84 23.82
C LEU A 256 -10.06 24.77 24.98
N LYS A 257 -9.76 25.44 26.10
CA LYS A 257 -10.68 25.45 27.23
C LYS A 257 -11.95 26.21 26.91
N GLN A 258 -11.83 27.38 26.27
CA GLN A 258 -13.00 28.17 25.91
C GLN A 258 -13.95 27.39 25.00
N GLU A 259 -13.39 26.63 24.07
CA GLU A 259 -14.20 25.80 23.19
C GLU A 259 -14.58 24.46 23.84
N LYS A 260 -14.32 24.30 25.13
CA LYS A 260 -14.69 23.10 25.88
C LYS A 260 -14.12 21.84 25.23
N ILE A 261 -12.97 21.97 24.58
CA ILE A 261 -12.26 20.80 24.08
C ILE A 261 -11.54 20.09 25.23
N ILE A 262 -10.82 20.84 26.05
CA ILE A 262 -10.26 20.31 27.28
C ILE A 262 -10.92 21.03 28.45
N PRO A 263 -11.07 20.36 29.62
CA PRO A 263 -11.68 21.01 30.78
C PRO A 263 -10.88 22.21 31.29
N PHE B 20 22.64 -14.66 37.25
CA PHE B 20 22.24 -14.31 38.61
C PHE B 20 21.33 -13.08 38.65
N GLN B 21 20.03 -13.30 38.49
CA GLN B 21 19.05 -12.23 38.58
C GLN B 21 19.02 -11.68 40.00
N GLY B 22 19.05 -10.35 40.12
CA GLY B 22 19.23 -9.68 41.41
C GLY B 22 18.02 -8.87 41.85
N TRP B 23 17.68 -9.00 43.14
CA TRP B 23 16.54 -8.32 43.73
C TRP B 23 16.93 -7.67 45.04
N GLN B 24 16.22 -6.62 45.41
CA GLN B 24 16.44 -5.94 46.69
C GLN B 24 15.12 -5.67 47.37
N GLU B 25 15.04 -6.00 48.67
CA GLU B 25 13.85 -5.74 49.47
C GLU B 25 14.04 -4.45 50.24
N ASN B 26 13.09 -3.53 50.09
CA ASN B 26 13.12 -2.23 50.77
C ASN B 26 11.80 -2.07 51.51
N LYS B 27 11.82 -2.37 52.81
CA LYS B 27 10.59 -2.36 53.59
C LYS B 27 10.08 -0.95 53.85
N SER B 28 10.90 0.08 53.60
CA SER B 28 10.46 1.45 53.87
C SER B 28 9.22 1.83 53.05
N TRP B 29 9.04 1.20 51.88
CA TRP B 29 7.83 1.46 51.10
C TRP B 29 6.56 1.04 51.84
N ASN B 30 6.69 0.23 52.90
CA ASN B 30 5.50 -0.18 53.64
C ASN B 30 4.82 1.02 54.29
N ALA B 31 5.58 2.09 54.58
CA ALA B 31 4.99 3.29 55.14
C ALA B 31 3.88 3.83 54.26
N HIS B 32 4.02 3.70 52.93
CA HIS B 32 2.98 4.21 52.05
C HIS B 32 1.73 3.35 52.08
N PHE B 33 1.87 2.03 52.31
CA PHE B 33 0.69 1.19 52.47
C PHE B 33 0.00 1.45 53.81
N THR B 34 0.78 1.56 54.89
CA THR B 34 0.17 1.81 56.19
C THR B 34 -0.49 3.19 56.24
N GLU B 35 0.09 4.18 55.57
CA GLU B 35 -0.51 5.51 55.55
C GLU B 35 -1.94 5.47 55.03
N HIS B 36 -2.20 4.62 54.03
CA HIS B 36 -3.54 4.47 53.49
C HIS B 36 -4.23 3.22 54.03
N LYS B 37 -3.76 2.70 55.16
CA LYS B 37 -4.40 1.57 55.83
C LYS B 37 -4.59 0.40 54.87
N SER B 38 -3.55 0.14 54.06
CA SER B 38 -3.60 -0.87 53.02
C SER B 38 -2.48 -1.89 53.21
N GLN B 39 -2.57 -2.97 52.44
CA GLN B 39 -1.54 -3.99 52.40
C GLN B 39 -1.32 -4.43 50.96
N GLY B 40 -0.06 -4.53 50.55
CA GLY B 40 0.22 -4.95 49.19
C GLY B 40 1.70 -4.94 48.88
N VAL B 41 2.01 -4.96 47.59
CA VAL B 41 3.39 -5.02 47.12
C VAL B 41 3.54 -4.07 45.93
N VAL B 42 4.67 -3.39 45.86
CA VAL B 42 5.11 -2.69 44.66
C VAL B 42 6.40 -3.36 44.21
N VAL B 43 6.50 -3.69 42.92
CA VAL B 43 7.72 -4.23 42.35
C VAL B 43 8.20 -3.27 41.26
N LEU B 44 9.48 -2.88 41.34
CA LEU B 44 10.13 -2.01 40.36
C LEU B 44 11.28 -2.75 39.70
N TRP B 45 11.51 -2.47 38.41
CA TRP B 45 12.64 -3.03 37.69
C TRP B 45 13.35 -1.92 36.94
N ASN B 46 14.61 -1.69 37.30
CA ASN B 46 15.48 -0.72 36.61
C ASN B 46 16.03 -1.39 35.36
N GLU B 47 15.59 -0.94 34.18
CA GLU B 47 15.99 -1.63 32.95
C GLU B 47 17.49 -1.46 32.69
N ASN B 48 18.00 -0.23 32.80
CA ASN B 48 19.42 0.02 32.53
C ASN B 48 20.32 -0.83 33.40
N LYS B 49 20.03 -0.88 34.70
CA LYS B 49 20.89 -1.59 35.64
C LYS B 49 20.52 -3.05 35.82
N GLN B 50 19.38 -3.50 35.28
CA GLN B 50 18.94 -4.88 35.45
C GLN B 50 18.85 -5.25 36.93
N GLN B 51 18.13 -4.41 37.69
CA GLN B 51 17.95 -4.60 39.12
C GLN B 51 16.47 -4.49 39.49
N GLY B 52 15.99 -5.40 40.33
CA GLY B 52 14.63 -5.38 40.83
C GLY B 52 14.59 -4.93 42.28
N PHE B 53 13.48 -4.28 42.66
CA PHE B 53 13.25 -3.76 44.01
C PHE B 53 11.81 -4.02 44.41
N THR B 54 11.59 -4.34 45.69
CA THR B 54 10.23 -4.58 46.17
C THR B 54 10.17 -4.42 47.69
N ASN B 55 8.98 -4.09 48.19
CA ASN B 55 8.75 -4.02 49.63
C ASN B 55 8.47 -5.39 50.25
N ASN B 56 8.30 -6.43 49.45
CA ASN B 56 7.83 -7.72 49.99
C ASN B 56 8.13 -8.78 48.93
N LEU B 57 9.30 -9.42 49.06
CA LEU B 57 9.74 -10.45 48.11
C LEU B 57 8.72 -11.57 47.96
N LYS B 58 8.11 -11.99 49.08
CA LYS B 58 7.17 -13.10 49.03
C LYS B 58 5.93 -12.74 48.22
N ARG B 59 5.29 -11.62 48.54
CA ARG B 59 4.09 -11.25 47.80
C ARG B 59 4.42 -10.89 46.36
N ALA B 60 5.61 -10.32 46.12
CA ALA B 60 6.05 -10.06 44.75
C ALA B 60 5.97 -11.31 43.87
N ASN B 61 6.09 -12.49 44.46
CA ASN B 61 6.12 -13.73 43.70
C ASN B 61 4.88 -14.58 43.89
N GLN B 62 3.83 -14.05 44.50
CA GLN B 62 2.58 -14.80 44.62
C GLN B 62 1.68 -14.50 43.43
N ALA B 63 1.06 -15.55 42.88
CA ALA B 63 0.31 -15.45 41.63
C ALA B 63 -1.17 -15.20 41.92
N PHE B 64 -1.76 -14.28 41.16
CA PHE B 64 -3.17 -13.96 41.30
C PHE B 64 -3.82 -13.99 39.93
N LEU B 65 -5.15 -13.97 39.92
CA LEU B 65 -5.87 -13.79 38.66
C LEU B 65 -5.49 -12.44 38.09
N PRO B 66 -5.25 -12.34 36.77
CA PRO B 66 -4.87 -11.05 36.16
C PRO B 66 -6.03 -10.08 35.99
N ALA B 67 -7.27 -10.54 36.01
CA ALA B 67 -8.46 -9.70 35.78
C ALA B 67 -8.19 -8.80 34.57
N SER B 68 -8.43 -7.48 34.66
CA SER B 68 -8.37 -6.64 33.48
C SER B 68 -6.95 -6.39 32.97
N THR B 69 -5.90 -6.73 33.71
CA THR B 69 -4.57 -6.62 33.13
C THR B 69 -4.37 -7.62 31.99
N PHE B 70 -5.22 -8.65 31.92
CA PHE B 70 -5.19 -9.56 30.76
C PHE B 70 -5.58 -8.85 29.47
N LYS B 71 -6.16 -7.65 29.54
CA LYS B 71 -6.41 -6.90 28.31
C LYS B 71 -5.14 -6.61 27.52
N ILE B 72 -3.97 -6.63 28.16
CA ILE B 72 -2.72 -6.39 27.43
C ILE B 72 -2.42 -7.59 26.53
N PRO B 73 -2.25 -8.82 27.04
CA PRO B 73 -2.04 -9.94 26.09
C PRO B 73 -3.22 -10.18 25.17
N ASN B 74 -4.46 -9.99 25.65
CA ASN B 74 -5.64 -10.20 24.80
C ASN B 74 -5.65 -9.26 23.59
N SER B 75 -5.33 -7.97 23.81
CA SER B 75 -5.26 -7.02 22.69
C SER B 75 -4.23 -7.45 21.67
N LEU B 76 -3.04 -7.88 22.15
CA LEU B 76 -1.97 -8.27 21.25
C LEU B 76 -2.41 -9.43 20.36
N ILE B 77 -3.00 -10.46 20.96
CA ILE B 77 -3.42 -11.63 20.21
C ILE B 77 -4.49 -11.27 19.20
N ALA B 78 -5.48 -10.47 19.62
CA ALA B 78 -6.55 -10.08 18.71
C ALA B 78 -6.03 -9.30 17.51
N LEU B 79 -5.08 -8.40 17.75
CA LEU B 79 -4.50 -7.63 16.64
C LEU B 79 -3.71 -8.54 15.70
N ASP B 80 -2.90 -9.44 16.27
CA ASP B 80 -2.02 -10.26 15.45
C ASP B 80 -2.83 -11.19 14.55
N LEU B 81 -3.92 -11.74 15.06
CA LEU B 81 -4.80 -12.61 14.30
C LEU B 81 -5.80 -11.85 13.43
N GLY B 82 -5.80 -10.53 13.45
CA GLY B 82 -6.74 -9.79 12.63
C GLY B 82 -8.17 -9.75 13.17
N VAL B 83 -8.40 -10.26 14.38
CA VAL B 83 -9.69 -10.07 15.03
C VAL B 83 -9.98 -8.58 15.18
N VAL B 84 -8.94 -7.82 15.52
CA VAL B 84 -8.97 -6.37 15.55
C VAL B 84 -8.13 -5.86 14.37
N LYS B 85 -8.74 -5.08 13.50
CA LYS B 85 -8.04 -4.60 12.31
C LYS B 85 -7.08 -3.47 12.65
N ASP B 86 -7.54 -2.48 13.42
CA ASP B 86 -6.70 -1.39 13.88
C ASP B 86 -7.34 -0.79 15.12
N GLU B 87 -6.71 0.26 15.64
CA GLU B 87 -7.18 0.91 16.85
C GLU B 87 -8.42 1.76 16.62
N HIS B 88 -8.89 1.87 15.38
CA HIS B 88 -10.11 2.62 15.06
C HIS B 88 -11.33 1.75 14.87
N GLN B 89 -11.16 0.45 14.67
CA GLN B 89 -12.30 -0.40 14.36
C GLN B 89 -13.29 -0.36 15.52
N VAL B 90 -14.57 -0.20 15.20
CA VAL B 90 -15.62 0.00 16.20
C VAL B 90 -16.22 -1.35 16.58
N PHE B 91 -16.37 -1.58 17.89
CA PHE B 91 -17.03 -2.77 18.40
C PHE B 91 -18.33 -2.38 19.10
N LYS B 92 -19.44 -2.88 18.59
CA LYS B 92 -20.75 -2.39 18.99
C LYS B 92 -21.11 -2.86 20.39
N TRP B 93 -21.74 -1.97 21.15
CA TRP B 93 -22.39 -2.37 22.39
C TRP B 93 -23.43 -3.43 22.11
N ASP B 94 -23.50 -4.44 22.98
CA ASP B 94 -24.49 -5.49 22.79
C ASP B 94 -25.88 -5.10 23.29
N GLY B 95 -26.05 -3.88 23.81
CA GLY B 95 -27.34 -3.41 24.26
C GLY B 95 -27.75 -3.87 25.64
N GLN B 96 -26.90 -4.61 26.34
CA GLN B 96 -27.13 -4.96 27.73
C GLN B 96 -26.54 -3.86 28.61
N THR B 97 -27.39 -3.17 29.35
CA THR B 97 -26.95 -2.09 30.22
C THR B 97 -26.25 -2.67 31.44
N ARG B 98 -24.98 -2.32 31.61
CA ARG B 98 -24.17 -2.85 32.69
C ARG B 98 -23.86 -1.76 33.71
N ASP B 99 -23.30 -2.19 34.83
CA ASP B 99 -23.13 -1.33 36.00
C ASP B 99 -22.20 -0.15 35.73
N ILE B 100 -21.16 -0.34 34.92
CA ILE B 100 -20.21 0.73 34.61
C ILE B 100 -20.72 1.45 33.37
N ALA B 101 -21.13 2.71 33.54
CA ALA B 101 -21.90 3.40 32.50
C ALA B 101 -21.12 3.52 31.20
N THR B 102 -19.81 3.77 31.27
CA THR B 102 -19.01 3.94 30.06
C THR B 102 -18.98 2.67 29.20
N TRP B 103 -19.30 1.51 29.77
CA TRP B 103 -19.33 0.28 28.99
C TRP B 103 -20.48 0.25 28.00
N ASN B 104 -21.53 1.06 28.23
CA ASN B 104 -22.78 0.90 27.50
C ASN B 104 -22.81 1.78 26.26
N ARG B 105 -21.84 1.54 25.37
CA ARG B 105 -21.67 2.33 24.15
C ARG B 105 -20.69 1.61 23.22
N ASP B 106 -20.66 2.05 21.97
CA ASP B 106 -19.66 1.56 21.02
C ASP B 106 -18.26 1.95 21.50
N HIS B 107 -17.27 1.11 21.16
CA HIS B 107 -15.89 1.36 21.57
C HIS B 107 -14.93 0.96 20.47
N ASN B 108 -13.73 1.52 20.52
CA ASN B 108 -12.59 1.00 19.77
C ASN B 108 -11.55 0.49 20.77
N LEU B 109 -10.41 0.01 20.26
CA LEU B 109 -9.41 -0.58 21.14
C LEU B 109 -8.90 0.43 22.17
N ILE B 110 -8.74 1.69 21.76
CA ILE B 110 -8.21 2.71 22.66
C ILE B 110 -9.16 2.94 23.84
N THR B 111 -10.44 3.21 23.55
CA THR B 111 -11.40 3.48 24.61
C THR B 111 -11.79 2.22 25.38
N ALA B 112 -11.78 1.06 24.73
CA ALA B 112 -12.06 -0.18 25.47
C ALA B 112 -10.98 -0.45 26.51
N MET B 113 -9.72 -0.17 26.19
CA MET B 113 -8.66 -0.30 27.18
C MET B 113 -8.82 0.74 28.29
N LYS B 114 -9.09 1.99 27.90
CA LYS B 114 -9.18 3.08 28.86
C LYS B 114 -10.27 2.84 29.89
N TYR B 115 -11.44 2.39 29.45
CA TYR B 115 -12.56 2.13 30.34
C TYR B 115 -12.67 0.67 30.73
N SER B 116 -11.71 -0.16 30.32
CA SER B 116 -11.63 -1.57 30.69
C SER B 116 -12.97 -2.26 30.45
N VAL B 117 -13.43 -2.18 29.20
CA VAL B 117 -14.73 -2.69 28.79
C VAL B 117 -14.67 -4.19 28.57
N VAL B 118 -15.01 -4.94 29.61
CA VAL B 118 -14.92 -6.41 29.56
C VAL B 118 -15.68 -7.02 28.38
N PRO B 119 -16.94 -6.66 28.12
CA PRO B 119 -17.68 -7.36 27.06
C PRO B 119 -17.02 -7.30 25.70
N VAL B 120 -16.33 -6.20 25.39
CA VAL B 120 -15.61 -6.12 24.13
C VAL B 120 -14.48 -7.15 24.11
N TYR B 121 -13.76 -7.27 25.21
CA TYR B 121 -12.66 -8.23 25.27
C TYR B 121 -13.12 -9.68 25.37
N GLN B 122 -14.33 -9.93 25.90
CA GLN B 122 -14.85 -11.27 25.85
C GLN B 122 -15.15 -11.70 24.42
N GLU B 123 -15.64 -10.77 23.60
CA GLU B 123 -15.87 -11.06 22.19
C GLU B 123 -14.56 -11.33 21.46
N PHE B 124 -13.50 -10.56 21.77
CA PHE B 124 -12.17 -10.89 21.26
C PHE B 124 -11.82 -12.35 21.55
N ALA B 125 -11.98 -12.74 22.82
CA ALA B 125 -11.54 -14.07 23.26
C ALA B 125 -12.33 -15.18 22.56
N ARG B 126 -13.64 -14.98 22.39
CA ARG B 126 -14.45 -16.00 21.70
C ARG B 126 -14.05 -16.14 20.24
N GLN B 127 -13.65 -15.04 19.60
CA GLN B 127 -13.19 -15.13 18.22
C GLN B 127 -11.78 -15.70 18.13
N ILE B 128 -10.95 -15.46 19.14
CA ILE B 128 -9.61 -16.06 19.17
C ILE B 128 -9.72 -17.57 19.27
N GLY B 129 -10.47 -18.06 20.26
CA GLY B 129 -10.65 -19.49 20.42
C GLY B 129 -9.66 -20.09 21.40
N GLU B 130 -10.07 -21.21 22.00
CA GLU B 130 -9.23 -21.87 23.02
C GLU B 130 -7.86 -22.23 22.48
N ALA B 131 -7.81 -22.88 21.31
CA ALA B 131 -6.56 -23.42 20.81
C ALA B 131 -5.52 -22.32 20.61
N ARG B 132 -5.91 -21.24 19.92
CA ARG B 132 -4.97 -20.17 19.61
C ARG B 132 -4.64 -19.35 20.85
N MET B 133 -5.62 -19.15 21.74
CA MET B 133 -5.34 -18.46 23.00
C MET B 133 -4.27 -19.22 23.79
N SER B 134 -4.43 -20.53 23.90
CA SER B 134 -3.46 -21.36 24.61
C SER B 134 -2.09 -21.28 23.96
N LYS B 135 -2.03 -21.45 22.64
CA LYS B 135 -0.76 -21.39 21.92
C LYS B 135 -0.06 -20.05 22.16
N MET B 136 -0.81 -18.94 22.08
CA MET B 136 -0.22 -17.62 22.22
C MET B 136 0.31 -17.38 23.63
N LEU B 137 -0.43 -17.82 24.65
CA LEU B 137 -0.02 -17.56 26.03
C LEU B 137 1.24 -18.36 26.38
N HIS B 138 1.37 -19.58 25.87
CA HIS B 138 2.64 -20.30 26.02
C HIS B 138 3.78 -19.54 25.34
N ALA B 139 3.56 -19.09 24.11
CA ALA B 139 4.57 -18.32 23.40
C ALA B 139 4.96 -17.05 24.17
N PHE B 140 3.98 -16.37 24.78
CA PHE B 140 4.24 -15.20 25.61
C PHE B 140 4.92 -15.55 26.94
N ASP B 141 5.00 -16.84 27.30
CA ASP B 141 5.48 -17.25 28.63
C ASP B 141 4.67 -16.56 29.74
N TYR B 142 3.37 -16.44 29.53
CA TYR B 142 2.51 -15.57 30.34
C TYR B 142 1.97 -16.33 31.56
N GLY B 143 2.46 -15.96 32.75
CA GLY B 143 1.95 -16.52 33.99
C GLY B 143 2.10 -18.04 34.01
N ASN B 144 1.08 -18.72 34.52
CA ASN B 144 1.08 -20.19 34.49
C ASN B 144 0.50 -20.75 33.18
N GLU B 145 0.22 -19.90 32.19
CA GLU B 145 -0.20 -20.33 30.84
C GLU B 145 -1.43 -21.25 30.85
N ASP B 146 -2.24 -21.19 31.90
CA ASP B 146 -3.38 -22.09 32.08
C ASP B 146 -4.66 -21.34 31.74
N ILE B 147 -5.37 -21.77 30.69
CA ILE B 147 -6.62 -21.11 30.30
C ILE B 147 -7.85 -21.93 30.71
N SER B 148 -7.71 -22.85 31.67
CA SER B 148 -8.86 -23.63 32.16
C SER B 148 -10.04 -22.72 32.50
N GLY B 149 -11.23 -23.16 32.11
CA GLY B 149 -12.47 -22.41 32.29
C GLY B 149 -13.05 -21.98 30.98
N ASN B 150 -13.96 -20.99 31.04
CA ASN B 150 -14.56 -20.46 29.83
C ASN B 150 -13.58 -19.57 29.09
N VAL B 151 -13.54 -19.70 27.77
CA VAL B 151 -12.56 -18.97 26.97
C VAL B 151 -12.73 -17.47 27.12
N ASP B 152 -13.95 -17.00 27.39
CA ASP B 152 -14.21 -15.57 27.51
C ASP B 152 -14.28 -15.12 28.97
N SER B 153 -13.79 -15.94 29.90
CA SER B 153 -13.77 -15.51 31.29
C SER B 153 -12.68 -16.16 32.13
N PHE B 154 -11.76 -16.94 31.55
CA PHE B 154 -10.77 -17.66 32.36
C PHE B 154 -9.86 -16.70 33.13
N TRP B 155 -9.63 -15.50 32.58
CA TRP B 155 -8.79 -14.54 33.30
C TRP B 155 -9.55 -13.84 34.42
N LEU B 156 -10.87 -14.08 34.50
CA LEU B 156 -11.74 -13.54 35.55
C LEU B 156 -12.04 -14.56 36.65
N ASP B 157 -12.29 -15.83 36.27
CA ASP B 157 -12.58 -16.83 37.29
C ASP B 157 -12.10 -18.23 36.90
N GLY B 158 -11.24 -18.36 35.90
CA GLY B 158 -10.67 -19.62 35.50
C GLY B 158 -9.34 -19.90 36.17
N GLY B 159 -8.46 -20.62 35.45
CA GLY B 159 -7.25 -21.16 36.02
C GLY B 159 -5.96 -20.37 35.84
N ILE B 160 -6.00 -19.24 35.14
CA ILE B 160 -4.78 -18.48 34.89
C ILE B 160 -4.41 -17.67 36.11
N ARG B 161 -3.11 -17.65 36.44
CA ARG B 161 -2.55 -16.88 37.53
C ARG B 161 -1.25 -16.23 37.08
N ILE B 162 -0.91 -15.07 37.65
CA ILE B 162 0.33 -14.40 37.31
C ILE B 162 0.80 -13.58 38.50
N SER B 163 2.11 -13.63 38.77
CA SER B 163 2.73 -12.88 39.85
C SER B 163 3.13 -11.50 39.34
N ALA B 164 3.40 -10.61 40.30
CA ALA B 164 3.91 -9.29 39.98
C ALA B 164 5.21 -9.37 39.21
N THR B 165 6.14 -10.22 39.65
CA THR B 165 7.40 -10.33 38.93
C THR B 165 7.19 -10.93 37.54
N GLU B 166 6.22 -11.83 37.39
CA GLU B 166 5.94 -12.37 36.06
C GLU B 166 5.30 -11.32 35.15
N GLN B 167 4.56 -10.38 35.74
CA GLN B 167 3.99 -9.29 34.94
C GLN B 167 5.09 -8.44 34.32
N ILE B 168 6.07 -8.06 35.14
CA ILE B 168 7.20 -7.28 34.65
C ILE B 168 7.95 -8.06 33.58
N SER B 169 8.11 -9.37 33.77
CA SER B 169 8.79 -10.18 32.76
C SER B 169 8.09 -10.10 31.42
N PHE B 170 6.75 -10.13 31.43
CA PHE B 170 5.99 -10.01 30.19
C PHE B 170 6.06 -8.60 29.62
N LEU B 171 5.93 -7.58 30.47
CA LEU B 171 5.93 -6.19 29.99
C LEU B 171 7.25 -5.84 29.31
N ARG B 172 8.37 -6.33 29.85
CA ARG B 172 9.68 -6.06 29.27
C ARG B 172 9.77 -6.58 27.83
N LYS B 173 9.23 -7.77 27.57
CA LYS B 173 9.22 -8.25 26.19
C LYS B 173 8.40 -7.34 25.29
N LEU B 174 7.22 -6.91 25.76
CA LEU B 174 6.41 -5.99 24.97
C LEU B 174 7.16 -4.68 24.72
N TYR B 175 7.82 -4.14 25.75
CA TYR B 175 8.54 -2.88 25.57
C TYR B 175 9.59 -2.99 24.47
N HIS B 176 10.26 -4.13 24.36
CA HIS B 176 11.34 -4.32 23.41
C HIS B 176 10.88 -4.91 22.07
N ASN B 177 9.57 -5.03 21.85
CA ASN B 177 9.04 -5.67 20.64
C ASN B 177 9.57 -7.09 20.49
N LYS B 178 9.80 -7.79 21.60
CA LYS B 178 10.41 -9.11 21.57
C LYS B 178 9.39 -10.25 21.53
N LEU B 179 8.09 -9.96 21.53
CA LEU B 179 7.11 -11.02 21.39
C LEU B 179 7.04 -11.47 19.92
N HIS B 180 6.52 -12.68 19.70
CA HIS B 180 6.54 -13.25 18.36
C HIS B 180 5.47 -12.67 17.45
N VAL B 181 4.50 -11.94 17.99
CA VAL B 181 3.51 -11.25 17.16
C VAL B 181 4.19 -10.10 16.43
N SER B 182 3.51 -9.52 15.44
CA SER B 182 4.13 -8.49 14.62
C SER B 182 4.54 -7.27 15.45
N GLU B 183 5.57 -6.57 14.96
CA GLU B 183 5.96 -5.30 15.57
C GLU B 183 4.78 -4.35 15.61
N ARG B 184 3.98 -4.31 14.54
CA ARG B 184 2.83 -3.41 14.46
C ARG B 184 1.85 -3.68 15.60
N SER B 185 1.54 -4.96 15.84
CA SER B 185 0.66 -5.34 16.95
C SER B 185 1.17 -4.80 18.27
N GLN B 186 2.49 -4.93 18.50
CA GLN B 186 3.06 -4.48 19.75
C GLN B 186 3.05 -2.95 19.85
N ARG B 187 3.31 -2.26 18.75
CA ARG B 187 3.22 -0.80 18.77
C ARG B 187 1.81 -0.33 19.10
N ILE B 188 0.79 -0.94 18.50
CA ILE B 188 -0.58 -0.49 18.72
C ILE B 188 -1.00 -0.70 20.18
N VAL B 189 -0.68 -1.87 20.75
CA VAL B 189 -1.05 -2.11 22.14
C VAL B 189 -0.35 -1.12 23.07
N LYS B 190 0.91 -0.79 22.77
CA LYS B 190 1.63 0.16 23.62
C LYS B 190 1.03 1.57 23.52
N GLN B 191 0.55 1.95 22.33
CA GLN B 191 -0.20 3.19 22.19
C GLN B 191 -1.47 3.15 23.04
N ALA B 192 -2.21 2.03 22.98
CA ALA B 192 -3.45 1.89 23.75
C ALA B 192 -3.21 1.88 25.26
N MET B 193 -2.02 1.47 25.70
CA MET B 193 -1.69 1.48 27.13
C MET B 193 -1.37 2.88 27.66
N LEU B 194 -1.19 3.87 26.78
CA LEU B 194 -0.84 5.21 27.23
C LEU B 194 -1.83 5.69 28.27
N THR B 195 -1.29 6.08 29.43
CA THR B 195 -2.04 6.49 30.61
C THR B 195 -1.73 7.93 31.02
N GLU B 196 -0.47 8.34 30.97
CA GLU B 196 -0.10 9.68 31.40
C GLU B 196 1.19 10.10 30.70
N ALA B 197 1.29 11.40 30.40
CA ALA B 197 2.52 11.89 29.80
C ALA B 197 2.63 13.38 30.08
N ASN B 198 3.86 13.82 30.37
CA ASN B 198 4.15 15.22 30.58
C ASN B 198 5.61 15.45 30.20
N GLY B 199 6.16 16.61 30.60
CA GLY B 199 7.53 16.94 30.27
C GLY B 199 8.57 16.17 31.07
N ASP B 200 8.14 15.38 32.06
CA ASP B 200 9.06 14.62 32.92
C ASP B 200 9.02 13.11 32.70
N TYR B 201 7.89 12.53 32.30
CA TYR B 201 7.82 11.08 32.15
C TYR B 201 6.63 10.70 31.29
N ILE B 202 6.63 9.44 30.84
CA ILE B 202 5.48 8.79 30.21
C ILE B 202 5.18 7.51 30.98
N ILE B 203 3.89 7.24 31.23
CA ILE B 203 3.45 5.99 31.86
C ILE B 203 2.55 5.25 30.89
N ARG B 204 2.91 4.01 30.59
CA ARG B 204 2.05 3.09 29.86
C ARG B 204 1.71 1.96 30.83
N ALA B 205 0.42 1.72 31.06
CA ALA B 205 0.01 0.82 32.15
C ALA B 205 -1.41 0.35 31.93
N LYS B 206 -1.81 -0.65 32.74
CA LYS B 206 -3.18 -1.15 32.77
C LYS B 206 -3.56 -1.52 34.19
N THR B 207 -4.75 -1.10 34.60
CA THR B 207 -5.30 -1.38 35.91
C THR B 207 -6.07 -2.70 35.90
N GLY B 208 -6.33 -3.22 37.09
CA GLY B 208 -7.05 -4.47 37.24
C GLY B 208 -7.69 -4.57 38.60
N TYR B 209 -8.77 -5.35 38.67
CA TYR B 209 -9.56 -5.50 39.89
C TYR B 209 -10.18 -6.90 39.85
N SER B 210 -9.72 -7.79 40.71
CA SER B 210 -10.14 -9.19 40.71
C SER B 210 -10.92 -9.49 41.98
N THR B 211 -12.19 -9.94 41.83
CA THR B 211 -13.04 -10.19 43.00
C THR B 211 -13.70 -11.55 43.07
N ARG B 212 -13.70 -12.35 41.99
CA ARG B 212 -14.45 -13.59 41.98
C ARG B 212 -13.77 -14.71 42.75
N ILE B 213 -12.52 -14.51 43.17
CA ILE B 213 -11.79 -15.46 44.00
C ILE B 213 -11.04 -14.66 45.04
N GLU B 214 -10.88 -15.23 46.21
CA GLU B 214 -10.12 -14.57 47.25
C GLU B 214 -8.62 -14.71 47.00
N PRO B 215 -7.81 -13.71 47.41
CA PRO B 215 -8.25 -12.46 48.02
C PRO B 215 -8.58 -11.40 46.97
N LYS B 216 -9.55 -10.53 47.24
CA LYS B 216 -9.87 -9.46 46.31
C LYS B 216 -8.71 -8.47 46.26
N ILE B 217 -8.27 -8.13 45.05
CA ILE B 217 -7.06 -7.34 44.86
C ILE B 217 -7.22 -6.36 43.71
N GLY B 218 -6.50 -5.25 43.80
CA GLY B 218 -6.33 -4.33 42.68
C GLY B 218 -4.91 -4.45 42.15
N TRP B 219 -4.78 -4.35 40.82
CA TRP B 219 -3.53 -4.38 40.07
C TRP B 219 -3.22 -3.01 39.48
N TRP B 220 -1.93 -2.71 39.33
CA TRP B 220 -1.50 -1.70 38.35
C TRP B 220 -0.14 -2.13 37.84
N VAL B 221 -0.02 -2.40 36.53
CA VAL B 221 1.22 -2.88 35.92
C VAL B 221 1.52 -2.04 34.68
N GLY B 222 2.80 -1.75 34.47
CA GLY B 222 3.19 -1.01 33.29
C GLY B 222 4.64 -0.56 33.42
N TRP B 223 4.95 0.64 32.96
CA TRP B 223 6.32 1.14 33.08
C TRP B 223 6.33 2.65 32.95
N VAL B 224 7.42 3.25 33.42
CA VAL B 224 7.67 4.68 33.36
C VAL B 224 8.80 4.93 32.38
N GLU B 225 8.54 5.68 31.33
CA GLU B 225 9.57 6.04 30.37
C GLU B 225 10.18 7.38 30.77
N LEU B 226 11.50 7.39 30.98
CA LEU B 226 12.29 8.60 31.19
C LEU B 226 13.14 8.88 29.95
N ASP B 227 13.85 10.01 29.97
CA ASP B 227 14.74 10.35 28.87
C ASP B 227 15.79 9.26 28.64
N ASP B 228 16.35 8.70 29.72
CA ASP B 228 17.53 7.84 29.63
C ASP B 228 17.36 6.48 30.31
N ASN B 229 16.14 6.09 30.68
CA ASN B 229 15.95 4.80 31.34
C ASN B 229 14.47 4.46 31.27
N VAL B 230 14.14 3.20 31.58
CA VAL B 230 12.76 2.76 31.73
C VAL B 230 12.64 2.02 33.04
N TRP B 231 11.63 2.38 33.83
CA TRP B 231 11.33 1.71 35.09
C TRP B 231 10.03 0.94 34.91
N PHE B 232 10.13 -0.39 34.93
CA PHE B 232 8.95 -1.24 34.92
C PHE B 232 8.37 -1.36 36.33
N PHE B 233 7.05 -1.48 36.42
CA PHE B 233 6.42 -1.65 37.72
C PHE B 233 5.27 -2.63 37.62
N ALA B 234 5.02 -3.33 38.73
CA ALA B 234 3.81 -4.11 38.92
C ALA B 234 3.47 -4.05 40.41
N MET B 235 2.21 -3.76 40.71
CA MET B 235 1.75 -3.67 42.09
C MET B 235 0.42 -4.38 42.20
N ASN B 236 0.17 -4.96 43.37
CA ASN B 236 -1.18 -5.37 43.73
C ASN B 236 -1.39 -5.16 45.23
N MET B 237 -2.65 -5.05 45.62
CA MET B 237 -2.98 -4.70 46.99
C MET B 237 -4.37 -5.23 47.32
N ASP B 238 -4.55 -5.61 48.58
CA ASP B 238 -5.86 -6.03 49.07
C ASP B 238 -6.89 -4.95 48.77
N MET B 239 -8.06 -5.35 48.28
CA MET B 239 -9.10 -4.42 47.85
C MET B 239 -10.44 -4.96 48.29
N PRO B 240 -10.76 -4.85 49.59
CA PRO B 240 -12.04 -5.41 50.06
C PRO B 240 -13.26 -4.74 49.45
N THR B 241 -13.24 -3.42 49.25
CA THR B 241 -14.31 -2.74 48.52
C THR B 241 -13.70 -1.91 47.39
N SER B 242 -14.58 -1.44 46.50
CA SER B 242 -14.11 -0.69 45.34
C SER B 242 -13.70 0.74 45.68
N ASP B 243 -13.96 1.20 46.90
CA ASP B 243 -13.68 2.58 47.26
C ASP B 243 -12.19 2.86 47.39
N GLY B 244 -11.35 1.84 47.46
CA GLY B 244 -9.92 2.06 47.54
C GLY B 244 -9.18 1.97 46.23
N LEU B 245 -9.89 1.88 45.10
CA LEU B 245 -9.24 1.61 43.83
C LEU B 245 -8.24 2.70 43.45
N GLY B 246 -8.52 3.95 43.82
CA GLY B 246 -7.59 5.04 43.54
C GLY B 246 -6.26 4.90 44.26
N LEU B 247 -6.17 4.02 45.25
CA LEU B 247 -4.91 3.82 45.97
C LEU B 247 -3.89 3.05 45.15
N ARG B 248 -4.32 2.31 44.10
CA ARG B 248 -3.36 1.62 43.25
C ARG B 248 -2.37 2.62 42.65
N GLN B 249 -2.88 3.67 42.00
CA GLN B 249 -2.00 4.67 41.39
C GLN B 249 -1.31 5.52 42.44
N ALA B 250 -2.02 5.86 43.52
CA ALA B 250 -1.46 6.80 44.49
C ALA B 250 -0.27 6.19 45.24
N ILE B 251 -0.38 4.93 45.66
CA ILE B 251 0.72 4.30 46.37
C ILE B 251 1.90 4.04 45.45
N THR B 252 1.62 3.62 44.21
CA THR B 252 2.69 3.47 43.22
C THR B 252 3.43 4.80 43.01
N LYS B 253 2.70 5.90 42.90
CA LYS B 253 3.35 7.18 42.67
C LYS B 253 4.14 7.65 43.90
N GLU B 254 3.65 7.35 45.10
CA GLU B 254 4.42 7.68 46.30
C GLU B 254 5.76 6.93 46.33
N VAL B 255 5.78 5.69 45.84
CA VAL B 255 7.04 4.94 45.81
C VAL B 255 7.96 5.50 44.71
N LEU B 256 7.41 5.74 43.52
CA LEU B 256 8.20 6.37 42.46
C LEU B 256 8.79 7.70 42.92
N LYS B 257 8.02 8.48 43.68
CA LYS B 257 8.51 9.77 44.14
C LYS B 257 9.57 9.61 45.23
N GLN B 258 9.35 8.69 46.17
CA GLN B 258 10.39 8.44 47.18
C GLN B 258 11.70 8.02 46.52
N GLU B 259 11.62 7.12 45.54
CA GLU B 259 12.82 6.69 44.84
C GLU B 259 13.31 7.73 43.84
N LYS B 260 12.65 8.88 43.75
CA LYS B 260 13.06 9.97 42.88
C LYS B 260 13.11 9.55 41.42
N ILE B 261 12.25 8.60 41.03
CA ILE B 261 12.10 8.24 39.63
C ILE B 261 11.23 9.26 38.89
N ILE B 262 10.25 9.84 39.57
CA ILE B 262 9.48 10.94 39.02
C ILE B 262 9.51 12.07 40.04
N PRO B 263 9.36 13.34 39.62
CA PRO B 263 9.29 14.46 40.56
C PRO B 263 8.02 14.44 41.40
N PHE C 20 -7.92 -29.99 -2.86
CA PHE C 20 -7.83 -28.59 -2.46
C PHE C 20 -6.39 -28.20 -2.23
N GLN C 21 -5.53 -29.22 -2.22
CA GLN C 21 -4.16 -28.93 -1.83
C GLN C 21 -3.23 -30.13 -2.01
N GLY C 22 -2.00 -29.83 -2.40
CA GLY C 22 -0.97 -30.85 -2.57
C GLY C 22 0.00 -30.58 -3.72
N TRP C 23 1.24 -31.02 -3.54
CA TRP C 23 2.27 -31.00 -4.57
C TRP C 23 2.47 -32.42 -5.11
N GLN C 24 2.59 -32.55 -6.43
CA GLN C 24 2.80 -33.85 -7.05
C GLN C 24 4.09 -33.85 -7.83
N GLU C 25 4.90 -34.89 -7.66
CA GLU C 25 6.11 -35.03 -8.44
C GLU C 25 5.81 -35.88 -9.67
N ASN C 26 6.32 -35.44 -10.83
CA ASN C 26 6.10 -36.10 -12.12
C ASN C 26 7.45 -36.13 -12.84
N LYS C 27 8.20 -37.21 -12.63
CA LYS C 27 9.55 -37.30 -13.17
C LYS C 27 9.58 -37.53 -14.67
N SER C 28 8.44 -37.86 -15.29
CA SER C 28 8.43 -38.05 -16.73
C SER C 28 8.90 -36.80 -17.48
N TRP C 29 8.80 -35.62 -16.87
CA TRP C 29 9.25 -34.41 -17.53
C TRP C 29 10.76 -34.40 -17.74
N ASN C 30 11.50 -35.22 -16.99
CA ASN C 30 12.96 -35.25 -17.16
C ASN C 30 13.35 -35.62 -18.58
N ALA C 31 12.50 -36.38 -19.29
CA ALA C 31 12.79 -36.72 -20.67
C ALA C 31 12.97 -35.47 -21.53
N HIS C 32 12.24 -34.39 -21.21
CA HIS C 32 12.43 -33.15 -21.96
C HIS C 32 13.76 -32.49 -21.64
N PHE C 33 14.25 -32.64 -20.40
CA PHE C 33 15.59 -32.15 -20.11
C PHE C 33 16.63 -33.10 -20.67
N THR C 34 16.39 -34.41 -20.55
CA THR C 34 17.32 -35.42 -21.06
C THR C 34 17.56 -35.25 -22.56
N GLU C 35 16.47 -35.10 -23.33
CA GLU C 35 16.59 -35.04 -24.78
C GLU C 35 17.36 -33.83 -25.25
N HIS C 36 17.57 -32.83 -24.39
CA HIS C 36 18.36 -31.66 -24.74
C HIS C 36 19.68 -31.62 -23.98
N LYS C 37 20.08 -32.73 -23.36
CA LYS C 37 21.32 -32.83 -22.58
C LYS C 37 21.40 -31.72 -21.53
N SER C 38 20.27 -31.47 -20.87
CA SER C 38 20.15 -30.37 -19.92
C SER C 38 19.65 -30.89 -18.58
N GLN C 39 19.72 -30.03 -17.58
CA GLN C 39 19.26 -30.35 -16.23
C GLN C 39 18.53 -29.15 -15.66
N GLY C 40 17.42 -29.41 -14.99
CA GLY C 40 16.66 -28.32 -14.40
C GLY C 40 15.32 -28.81 -13.86
N VAL C 41 14.49 -27.83 -13.49
CA VAL C 41 13.19 -28.05 -12.88
C VAL C 41 12.14 -27.19 -13.59
N VAL C 42 10.96 -27.77 -13.82
CA VAL C 42 9.78 -27.02 -14.18
C VAL C 42 8.77 -27.17 -13.05
N VAL C 43 8.14 -26.06 -12.67
CA VAL C 43 7.07 -26.06 -11.67
C VAL C 43 5.83 -25.47 -12.31
N LEU C 44 4.71 -26.18 -12.20
CA LEU C 44 3.42 -25.73 -12.70
C LEU C 44 2.42 -25.65 -11.54
N TRP C 45 1.49 -24.71 -11.64
CA TRP C 45 0.41 -24.59 -10.65
C TRP C 45 -0.91 -24.36 -11.37
N ASN C 46 -1.82 -25.33 -11.23
CA ASN C 46 -3.19 -25.24 -11.77
C ASN C 46 -4.03 -24.42 -10.80
N GLU C 47 -4.41 -23.21 -11.20
CA GLU C 47 -5.07 -22.32 -10.24
C GLU C 47 -6.46 -22.80 -9.87
N ASN C 48 -7.26 -23.24 -10.86
CA ASN C 48 -8.62 -23.70 -10.55
C ASN C 48 -8.60 -24.84 -9.56
N LYS C 49 -7.77 -25.86 -9.81
CA LYS C 49 -7.73 -27.06 -8.99
C LYS C 49 -6.83 -26.92 -7.76
N GLN C 50 -6.05 -25.84 -7.67
CA GLN C 50 -5.10 -25.64 -6.57
C GLN C 50 -4.14 -26.84 -6.46
N GLN C 51 -3.56 -27.22 -7.59
CA GLN C 51 -2.66 -28.36 -7.70
C GLN C 51 -1.32 -27.90 -8.24
N GLY C 52 -0.23 -28.36 -7.61
CA GLY C 52 1.11 -28.05 -8.06
C GLY C 52 1.87 -29.29 -8.51
N PHE C 53 2.70 -29.14 -9.54
CA PHE C 53 3.40 -30.24 -10.18
C PHE C 53 4.84 -29.83 -10.48
N THR C 54 5.76 -30.80 -10.39
CA THR C 54 7.15 -30.52 -10.75
C THR C 54 7.90 -31.83 -10.98
N ASN C 55 8.95 -31.75 -11.80
CA ASN C 55 9.80 -32.91 -12.02
C ASN C 55 10.87 -33.11 -10.94
N ASN C 56 11.01 -32.19 -9.97
CA ASN C 56 12.12 -32.28 -9.01
C ASN C 56 11.76 -31.42 -7.79
N LEU C 57 11.15 -32.05 -6.80
CA LEU C 57 10.74 -31.33 -5.58
C LEU C 57 11.91 -30.63 -4.93
N LYS C 58 13.06 -31.30 -4.83
CA LYS C 58 14.24 -30.68 -4.24
C LYS C 58 14.64 -29.41 -4.98
N ARG C 59 14.92 -29.54 -6.29
CA ARG C 59 15.37 -28.37 -7.04
C ARG C 59 14.29 -27.31 -7.11
N ALA C 60 13.02 -27.71 -7.07
CA ALA C 60 11.92 -26.75 -7.06
C ALA C 60 12.03 -25.80 -5.88
N ASN C 61 12.67 -26.25 -4.79
CA ASN C 61 12.77 -25.48 -3.56
C ASN C 61 14.15 -24.93 -3.29
N GLN C 62 15.11 -25.14 -4.20
CA GLN C 62 16.44 -24.56 -4.06
C GLN C 62 16.44 -23.14 -4.60
N ALA C 63 17.12 -22.24 -3.90
CA ALA C 63 17.04 -20.81 -4.16
C ALA C 63 18.25 -20.31 -4.94
N PHE C 64 18.00 -19.44 -5.93
CA PHE C 64 19.03 -18.92 -6.83
C PHE C 64 18.88 -17.41 -6.95
N LEU C 65 19.93 -16.77 -7.48
CA LEU C 65 19.82 -15.36 -7.83
C LEU C 65 18.66 -15.13 -8.80
N PRO C 66 17.81 -14.13 -8.57
CA PRO C 66 16.70 -13.90 -9.51
C PRO C 66 17.15 -13.37 -10.86
N ALA C 67 18.26 -12.64 -10.91
CA ALA C 67 18.77 -12.01 -12.14
C ALA C 67 17.63 -11.21 -12.75
N SER C 68 17.41 -11.28 -14.06
CA SER C 68 16.45 -10.39 -14.71
C SER C 68 14.99 -10.65 -14.32
N THR C 69 14.67 -11.80 -13.68
CA THR C 69 13.30 -11.97 -13.20
C THR C 69 12.96 -10.99 -12.09
N PHE C 70 13.98 -10.42 -11.46
CA PHE C 70 13.75 -9.36 -10.48
C PHE C 70 13.16 -8.09 -11.09
N LYS C 71 13.14 -7.97 -12.42
CA LYS C 71 12.52 -6.80 -13.03
C LYS C 71 11.02 -6.72 -12.76
N ILE C 72 10.40 -7.83 -12.33
CA ILE C 72 8.97 -7.80 -12.04
C ILE C 72 8.74 -7.04 -10.74
N PRO C 73 9.30 -7.47 -9.59
CA PRO C 73 9.13 -6.63 -8.38
C PRO C 73 9.73 -5.24 -8.51
N ASN C 74 10.89 -5.10 -9.16
CA ASN C 74 11.50 -3.78 -9.34
C ASN C 74 10.54 -2.82 -10.05
N SER C 75 9.87 -3.30 -11.10
CA SER C 75 8.91 -2.47 -11.82
C SER C 75 7.77 -2.04 -10.90
N LEU C 76 7.23 -2.98 -10.13
CA LEU C 76 6.09 -2.68 -9.27
C LEU C 76 6.44 -1.58 -8.27
N ILE C 77 7.59 -1.72 -7.60
CA ILE C 77 7.99 -0.76 -6.59
C ILE C 77 8.26 0.61 -7.22
N ALA C 78 8.91 0.63 -8.39
CA ALA C 78 9.15 1.90 -9.08
C ALA C 78 7.85 2.61 -9.45
N LEU C 79 6.86 1.87 -9.96
CA LEU C 79 5.58 2.49 -10.32
C LEU C 79 4.88 3.04 -9.08
N ASP C 80 4.89 2.29 -7.98
CA ASP C 80 4.13 2.69 -6.81
C ASP C 80 4.77 3.86 -6.08
N LEU C 81 6.08 4.01 -6.17
CA LEU C 81 6.75 5.15 -5.57
C LEU C 81 6.75 6.38 -6.46
N GLY C 82 6.28 6.26 -7.71
CA GLY C 82 6.32 7.37 -8.64
C GLY C 82 7.64 7.54 -9.33
N VAL C 83 8.59 6.61 -9.12
CA VAL C 83 9.84 6.64 -9.87
C VAL C 83 9.56 6.48 -11.35
N VAL C 84 8.58 5.63 -11.70
CA VAL C 84 8.12 5.47 -13.07
C VAL C 84 6.68 5.98 -13.10
N LYS C 85 6.43 6.99 -13.93
CA LYS C 85 5.11 7.63 -13.93
C LYS C 85 4.09 6.77 -14.65
N ASP C 86 4.45 6.17 -15.77
CA ASP C 86 3.58 5.30 -16.54
C ASP C 86 4.44 4.49 -17.50
N GLU C 87 3.78 3.66 -18.31
CA GLU C 87 4.48 2.76 -19.23
C GLU C 87 4.97 3.45 -20.49
N HIS C 88 4.72 4.74 -20.65
CA HIS C 88 5.22 5.51 -21.78
C HIS C 88 6.41 6.39 -21.43
N GLN C 89 6.64 6.65 -20.14
CA GLN C 89 7.76 7.49 -19.72
C GLN C 89 9.07 6.98 -20.30
N VAL C 90 9.83 7.89 -20.91
CA VAL C 90 11.04 7.54 -21.65
C VAL C 90 12.24 7.66 -20.72
N PHE C 91 13.09 6.65 -20.74
CA PHE C 91 14.34 6.65 -19.98
C PHE C 91 15.46 6.66 -21.01
N LYS C 92 16.18 7.78 -21.07
CA LYS C 92 17.16 8.00 -22.13
C LYS C 92 18.39 7.13 -21.92
N TRP C 93 18.89 6.56 -23.00
CA TRP C 93 20.15 5.83 -22.96
C TRP C 93 21.27 6.75 -22.49
N ASP C 94 22.15 6.22 -21.64
CA ASP C 94 23.20 7.06 -21.06
C ASP C 94 24.35 7.34 -22.04
N GLY C 95 24.26 6.85 -23.28
CA GLY C 95 25.31 7.07 -24.25
C GLY C 95 26.50 6.14 -24.14
N GLN C 96 26.47 5.16 -23.26
CA GLN C 96 27.57 4.21 -23.12
C GLN C 96 27.22 2.91 -23.85
N THR C 97 28.00 2.58 -24.86
CA THR C 97 27.74 1.39 -25.67
C THR C 97 28.03 0.13 -24.87
N ARG C 98 27.05 -0.77 -24.82
CA ARG C 98 27.13 -2.06 -24.14
C ARG C 98 26.94 -3.18 -25.16
N ASP C 99 27.12 -4.42 -24.69
CA ASP C 99 27.26 -5.52 -25.64
C ASP C 99 25.94 -5.87 -26.32
N ILE C 100 24.81 -5.73 -25.64
CA ILE C 100 23.51 -6.03 -26.23
C ILE C 100 23.00 -4.78 -26.95
N ALA C 101 22.84 -4.88 -28.27
CA ALA C 101 22.58 -3.69 -29.08
C ALA C 101 21.27 -3.02 -28.68
N THR C 102 20.24 -3.81 -28.33
CA THR C 102 18.96 -3.23 -27.94
C THR C 102 19.04 -2.44 -26.64
N TRP C 103 20.13 -2.54 -25.87
CA TRP C 103 20.29 -1.66 -24.72
C TRP C 103 20.76 -0.26 -25.12
N ASN C 104 21.30 -0.08 -26.31
CA ASN C 104 21.91 1.20 -26.66
C ASN C 104 20.89 2.09 -27.39
N ARG C 105 19.83 2.44 -26.66
CA ARG C 105 18.72 3.21 -27.20
C ARG C 105 17.81 3.62 -26.04
N ASP C 106 16.97 4.61 -26.30
CA ASP C 106 15.94 5.02 -25.33
C ASP C 106 14.98 3.87 -25.06
N HIS C 107 14.36 3.87 -23.87
CA HIS C 107 13.40 2.83 -23.52
C HIS C 107 12.28 3.39 -22.66
N ASN C 108 11.14 2.69 -22.72
CA ASN C 108 10.10 2.84 -21.72
C ASN C 108 9.99 1.53 -20.96
N LEU C 109 9.00 1.42 -20.07
CA LEU C 109 8.91 0.24 -19.23
C LEU C 109 8.59 -1.01 -20.04
N ILE C 110 7.80 -0.86 -21.12
CA ILE C 110 7.47 -2.01 -21.96
C ILE C 110 8.72 -2.56 -22.64
N THR C 111 9.49 -1.70 -23.31
CA THR C 111 10.62 -2.20 -24.08
C THR C 111 11.79 -2.55 -23.18
N ALA C 112 11.96 -1.86 -22.04
CA ALA C 112 13.01 -2.23 -21.09
C ALA C 112 12.78 -3.64 -20.54
N MET C 113 11.51 -4.02 -20.34
CA MET C 113 11.21 -5.37 -19.90
C MET C 113 11.44 -6.37 -21.01
N LYS C 114 10.97 -6.04 -22.22
CA LYS C 114 11.09 -6.94 -23.36
C LYS C 114 12.53 -7.33 -23.59
N TYR C 115 13.42 -6.34 -23.69
CA TYR C 115 14.83 -6.56 -23.97
C TYR C 115 15.67 -6.65 -22.71
N SER C 116 15.05 -6.62 -21.54
CA SER C 116 15.72 -6.86 -20.26
C SER C 116 16.90 -5.91 -20.05
N VAL C 117 16.61 -4.61 -20.15
CA VAL C 117 17.64 -3.56 -20.16
C VAL C 117 18.08 -3.27 -18.74
N VAL C 118 19.17 -3.89 -18.31
CA VAL C 118 19.65 -3.73 -16.94
C VAL C 118 19.91 -2.28 -16.55
N PRO C 119 20.61 -1.46 -17.35
CA PRO C 119 20.91 -0.09 -16.87
C PRO C 119 19.67 0.72 -16.53
N VAL C 120 18.55 0.55 -17.25
CA VAL C 120 17.33 1.27 -16.90
C VAL C 120 16.84 0.86 -15.51
N TYR C 121 16.90 -0.43 -15.20
CA TYR C 121 16.38 -0.91 -13.92
C TYR C 121 17.34 -0.62 -12.77
N GLN C 122 18.64 -0.51 -13.04
CA GLN C 122 19.58 -0.08 -12.02
C GLN C 122 19.30 1.33 -11.57
N GLU C 123 18.90 2.21 -12.49
CA GLU C 123 18.50 3.55 -12.12
C GLU C 123 17.21 3.53 -11.30
N PHE C 124 16.23 2.69 -11.66
CA PHE C 124 15.03 2.54 -10.84
C PHE C 124 15.41 2.22 -9.39
N ALA C 125 16.30 1.24 -9.20
CA ALA C 125 16.64 0.76 -7.87
C ALA C 125 17.38 1.82 -7.06
N ARG C 126 18.27 2.58 -7.70
CA ARG C 126 18.96 3.66 -7.00
C ARG C 126 17.97 4.71 -6.52
N GLN C 127 16.91 4.97 -7.29
CA GLN C 127 15.93 5.97 -6.87
C GLN C 127 14.99 5.42 -5.80
N ILE C 128 14.67 4.13 -5.86
CA ILE C 128 13.90 3.51 -4.78
C ILE C 128 14.69 3.60 -3.47
N GLY C 129 15.96 3.24 -3.50
CA GLY C 129 16.78 3.24 -2.30
C GLY C 129 16.67 1.96 -1.51
N GLU C 130 17.72 1.68 -0.72
CA GLU C 130 17.80 0.38 -0.05
C GLU C 130 16.68 0.19 0.98
N ALA C 131 16.26 1.25 1.66
CA ALA C 131 15.29 1.08 2.75
C ALA C 131 13.93 0.69 2.20
N ARG C 132 13.42 1.44 1.22
CA ARG C 132 12.12 1.14 0.66
C ARG C 132 12.16 -0.11 -0.21
N MET C 133 13.33 -0.42 -0.77
CA MET C 133 13.44 -1.68 -1.50
C MET C 133 13.26 -2.86 -0.56
N SER C 134 14.04 -2.89 0.53
CA SER C 134 13.92 -3.98 1.49
C SER C 134 12.53 -4.07 2.09
N LYS C 135 11.94 -2.92 2.47
CA LYS C 135 10.61 -2.95 3.07
C LYS C 135 9.58 -3.49 2.08
N MET C 136 9.73 -3.16 0.80
CA MET C 136 8.75 -3.61 -0.19
C MET C 136 8.92 -5.09 -0.51
N LEU C 137 10.15 -5.58 -0.57
CA LEU C 137 10.36 -7.02 -0.75
C LEU C 137 9.81 -7.80 0.44
N HIS C 138 9.96 -7.28 1.66
CA HIS C 138 9.33 -7.97 2.79
C HIS C 138 7.81 -7.92 2.66
N ALA C 139 7.25 -6.78 2.25
CA ALA C 139 5.80 -6.72 2.05
C ALA C 139 5.36 -7.73 1.01
N PHE C 140 6.17 -7.93 -0.06
CA PHE C 140 5.86 -8.91 -1.10
C PHE C 140 6.12 -10.35 -0.68
N ASP C 141 6.76 -10.58 0.46
CA ASP C 141 7.17 -11.93 0.83
C ASP C 141 8.08 -12.54 -0.25
N TYR C 142 8.97 -11.71 -0.81
CA TYR C 142 9.71 -12.06 -2.04
C TYR C 142 11.03 -12.76 -1.69
N GLY C 143 11.10 -14.05 -2.03
CA GLY C 143 12.35 -14.78 -1.87
C GLY C 143 12.81 -14.79 -0.42
N ASN C 144 14.12 -14.65 -0.22
CA ASN C 144 14.67 -14.55 1.13
C ASN C 144 14.68 -13.12 1.66
N GLU C 145 14.15 -12.16 0.91
CA GLU C 145 13.98 -10.76 1.35
C GLU C 145 15.31 -10.09 1.71
N ASP C 146 16.42 -10.58 1.18
CA ASP C 146 17.77 -10.13 1.54
C ASP C 146 18.32 -9.28 0.40
N ILE C 147 18.56 -8.01 0.65
CA ILE C 147 19.04 -7.12 -0.41
C ILE C 147 20.50 -6.75 -0.22
N SER C 148 21.22 -7.50 0.62
CA SER C 148 22.61 -7.18 0.92
C SER C 148 23.42 -7.06 -0.38
N GLY C 149 24.34 -6.11 -0.39
CA GLY C 149 25.08 -5.77 -1.59
C GLY C 149 24.71 -4.38 -2.06
N ASN C 150 25.13 -4.06 -3.28
CA ASN C 150 24.81 -2.77 -3.87
C ASN C 150 23.33 -2.69 -4.26
N VAL C 151 22.71 -1.53 -4.00
CA VAL C 151 21.28 -1.40 -4.23
C VAL C 151 20.92 -1.54 -5.71
N ASP C 152 21.89 -1.33 -6.61
CA ASP C 152 21.63 -1.44 -8.05
C ASP C 152 22.25 -2.69 -8.67
N SER C 153 22.65 -3.67 -7.86
CA SER C 153 23.13 -4.93 -8.42
C SER C 153 22.90 -6.13 -7.52
N PHE C 154 22.18 -5.99 -6.39
CA PHE C 154 22.08 -7.10 -5.44
C PHE C 154 21.35 -8.30 -6.01
N TRP C 155 20.48 -8.09 -7.01
CA TRP C 155 19.78 -9.21 -7.66
C TRP C 155 20.63 -9.88 -8.73
N LEU C 156 21.82 -9.34 -9.02
CA LEU C 156 22.80 -9.95 -9.91
C LEU C 156 23.96 -10.59 -9.15
N ASP C 157 24.45 -9.95 -8.08
CA ASP C 157 25.56 -10.55 -7.34
C ASP C 157 25.51 -10.29 -5.84
N GLY C 158 24.35 -9.97 -5.29
CA GLY C 158 24.18 -9.73 -3.87
C GLY C 158 23.58 -10.92 -3.17
N GLY C 159 22.83 -10.64 -2.10
CA GLY C 159 22.36 -11.69 -1.20
C GLY C 159 20.99 -12.28 -1.49
N ILE C 160 20.23 -11.71 -2.42
CA ILE C 160 18.85 -12.15 -2.63
C ILE C 160 18.82 -13.47 -3.38
N ARG C 161 17.95 -14.39 -2.92
CA ARG C 161 17.77 -15.70 -3.52
C ARG C 161 16.28 -16.02 -3.57
N ILE C 162 15.86 -16.77 -4.58
CA ILE C 162 14.46 -17.15 -4.69
C ILE C 162 14.37 -18.52 -5.37
N SER C 163 13.44 -19.36 -4.91
CA SER C 163 13.20 -20.67 -5.49
C SER C 163 12.10 -20.57 -6.53
N ALA C 164 12.04 -21.59 -7.39
CA ALA C 164 10.97 -21.67 -8.38
C ALA C 164 9.59 -21.70 -7.72
N THR C 165 9.46 -22.38 -6.57
CA THR C 165 8.17 -22.38 -5.89
C THR C 165 7.86 -21.00 -5.30
N GLU C 166 8.89 -20.30 -4.79
CA GLU C 166 8.63 -18.94 -4.29
C GLU C 166 8.27 -17.99 -5.42
N GLN C 167 8.83 -18.19 -6.62
CA GLN C 167 8.43 -17.38 -7.77
C GLN C 167 6.93 -17.52 -8.03
N ILE C 168 6.42 -18.76 -8.01
CA ILE C 168 4.99 -19.01 -8.24
C ILE C 168 4.16 -18.28 -7.18
N SER C 169 4.54 -18.43 -5.92
CA SER C 169 3.82 -17.77 -4.83
C SER C 169 3.70 -16.27 -5.09
N PHE C 170 4.80 -15.63 -5.48
CA PHE C 170 4.81 -14.20 -5.77
C PHE C 170 3.94 -13.88 -6.99
N LEU C 171 4.08 -14.66 -8.06
CA LEU C 171 3.29 -14.44 -9.26
C LEU C 171 1.80 -14.57 -9.01
N ARG C 172 1.39 -15.48 -8.12
CA ARG C 172 -0.04 -15.65 -7.86
C ARG C 172 -0.64 -14.41 -7.19
N LYS C 173 0.12 -13.77 -6.28
CA LYS C 173 -0.35 -12.51 -5.71
C LYS C 173 -0.51 -11.44 -6.80
N LEU C 174 0.46 -11.35 -7.72
CA LEU C 174 0.40 -10.34 -8.76
C LEU C 174 -0.79 -10.56 -9.69
N TYR C 175 -1.05 -11.82 -10.05
CA TYR C 175 -2.19 -12.11 -10.91
C TYR C 175 -3.50 -11.65 -10.29
N HIS C 176 -3.66 -11.86 -8.99
CA HIS C 176 -4.89 -11.52 -8.27
C HIS C 176 -4.90 -10.10 -7.72
N ASN C 177 -3.91 -9.27 -8.08
CA ASN C 177 -3.82 -7.89 -7.58
C ASN C 177 -3.79 -7.83 -6.05
N LYS C 178 -3.19 -8.84 -5.41
CA LYS C 178 -3.12 -8.92 -3.96
C LYS C 178 -1.82 -8.40 -3.37
N LEU C 179 -0.83 -8.04 -4.19
CA LEU C 179 0.38 -7.44 -3.62
C LEU C 179 0.06 -6.07 -3.03
N HIS C 180 0.91 -5.61 -2.11
CA HIS C 180 0.74 -4.36 -1.39
C HIS C 180 1.24 -3.15 -2.20
N VAL C 181 0.74 -3.03 -3.42
CA VAL C 181 0.87 -1.83 -4.24
C VAL C 181 -0.49 -1.59 -4.89
N SER C 182 -0.61 -0.45 -5.57
CA SER C 182 -1.88 -0.10 -6.20
C SER C 182 -2.26 -1.13 -7.25
N GLU C 183 -3.58 -1.26 -7.47
CA GLU C 183 -4.09 -2.03 -8.58
C GLU C 183 -3.49 -1.55 -9.90
N ARG C 184 -3.36 -0.23 -10.07
CA ARG C 184 -2.82 0.30 -11.31
C ARG C 184 -1.40 -0.19 -11.54
N SER C 185 -0.55 -0.10 -10.52
CA SER C 185 0.82 -0.60 -10.61
C SER C 185 0.84 -2.05 -11.08
N GLN C 186 -0.03 -2.89 -10.51
CA GLN C 186 -0.02 -4.29 -10.87
C GLN C 186 -0.53 -4.51 -12.29
N ARG C 187 -1.53 -3.72 -12.73
CA ARG C 187 -2.02 -3.84 -14.09
C ARG C 187 -0.94 -3.45 -15.11
N ILE C 188 -0.16 -2.42 -14.81
CA ILE C 188 0.85 -1.98 -15.76
C ILE C 188 1.98 -3.01 -15.89
N VAL C 189 2.44 -3.56 -14.78
CA VAL C 189 3.51 -4.55 -14.88
C VAL C 189 3.03 -5.79 -15.60
N LYS C 190 1.80 -6.21 -15.34
CA LYS C 190 1.28 -7.37 -16.05
C LYS C 190 1.17 -7.10 -17.55
N GLN C 191 0.86 -5.86 -17.93
CA GLN C 191 0.91 -5.50 -19.34
C GLN C 191 2.34 -5.61 -19.88
N ALA C 192 3.32 -5.13 -19.12
CA ALA C 192 4.71 -5.17 -19.55
C ALA C 192 5.26 -6.60 -19.64
N MET C 193 4.65 -7.54 -18.93
CA MET C 193 5.08 -8.94 -18.95
C MET C 193 4.58 -9.70 -20.18
N LEU C 194 3.72 -9.09 -21.00
CA LEU C 194 3.12 -9.80 -22.13
C LEU C 194 4.21 -10.32 -23.06
N THR C 195 4.20 -11.64 -23.30
CA THR C 195 5.21 -12.30 -24.12
C THR C 195 4.64 -12.92 -25.38
N GLU C 196 3.52 -13.63 -25.29
CA GLU C 196 2.93 -14.29 -26.44
C GLU C 196 1.42 -14.30 -26.28
N ALA C 197 0.69 -14.16 -27.39
CA ALA C 197 -0.77 -14.18 -27.35
C ALA C 197 -1.30 -14.65 -28.70
N ASN C 198 -2.30 -15.52 -28.65
CA ASN C 198 -2.96 -15.98 -29.86
C ASN C 198 -4.36 -16.45 -29.48
N GLY C 199 -5.03 -17.14 -30.40
CA GLY C 199 -6.38 -17.61 -30.15
C GLY C 199 -6.47 -18.70 -29.11
N ASP C 200 -5.34 -19.29 -28.70
CA ASP C 200 -5.32 -20.39 -27.75
C ASP C 200 -4.89 -19.99 -26.35
N TYR C 201 -3.96 -19.05 -26.19
CA TYR C 201 -3.47 -18.74 -24.85
C TYR C 201 -2.81 -17.37 -24.84
N ILE C 202 -2.61 -16.83 -23.64
CA ILE C 202 -1.79 -15.66 -23.39
C ILE C 202 -0.70 -16.05 -22.39
N ILE C 203 0.55 -15.72 -22.68
CA ILE C 203 1.65 -15.92 -21.75
C ILE C 203 2.18 -14.55 -21.33
N ARG C 204 2.14 -14.29 -20.02
CA ARG C 204 2.85 -13.16 -19.40
C ARG C 204 3.98 -13.74 -18.56
N ALA C 205 5.20 -13.31 -18.81
CA ALA C 205 6.33 -13.97 -18.18
C ALA C 205 7.55 -13.06 -18.24
N LYS C 206 8.66 -13.56 -17.71
CA LYS C 206 9.93 -12.85 -17.70
C LYS C 206 11.05 -13.87 -17.67
N THR C 207 12.01 -13.71 -18.58
CA THR C 207 13.20 -14.55 -18.64
C THR C 207 14.27 -14.02 -17.69
N GLY C 208 15.20 -14.90 -17.31
CA GLY C 208 16.36 -14.48 -16.54
C GLY C 208 17.56 -15.34 -16.84
N TYR C 209 18.74 -14.76 -16.59
CA TYR C 209 20.02 -15.44 -16.82
C TYR C 209 21.01 -14.97 -15.75
N SER C 210 21.41 -15.88 -14.87
CA SER C 210 22.28 -15.57 -13.74
C SER C 210 23.62 -16.24 -13.96
N THR C 211 24.69 -15.44 -14.02
CA THR C 211 26.03 -15.97 -14.29
C THR C 211 27.10 -15.56 -13.30
N ARG C 212 26.86 -14.59 -12.43
CA ARG C 212 27.93 -14.05 -11.60
C ARG C 212 28.31 -14.96 -10.45
N ILE C 213 27.49 -15.96 -10.14
CA ILE C 213 27.71 -16.94 -9.07
C ILE C 213 27.23 -18.27 -9.62
N GLU C 214 27.83 -19.41 -9.09
CA GLU C 214 27.47 -20.74 -9.56
C GLU C 214 26.26 -21.27 -8.81
N PRO C 215 25.44 -22.13 -9.44
CA PRO C 215 25.53 -22.52 -10.85
C PRO C 215 24.91 -21.47 -11.78
N LYS C 216 25.53 -21.23 -12.93
CA LYS C 216 24.89 -20.44 -13.97
C LYS C 216 23.58 -21.11 -14.38
N ILE C 217 22.50 -20.34 -14.37
CA ILE C 217 21.17 -20.87 -14.68
C ILE C 217 20.39 -19.87 -15.53
N GLY C 218 19.49 -20.40 -16.36
CA GLY C 218 18.44 -19.60 -16.97
C GLY C 218 17.14 -19.77 -16.22
N TRP C 219 16.31 -18.72 -16.24
CA TRP C 219 14.98 -18.69 -15.63
C TRP C 219 13.93 -18.42 -16.70
N TRP C 220 12.73 -18.96 -16.51
CA TRP C 220 11.53 -18.43 -17.16
C TRP C 220 10.37 -18.57 -16.20
N VAL C 221 9.73 -17.46 -15.84
CA VAL C 221 8.68 -17.50 -14.82
C VAL C 221 7.49 -16.67 -15.30
N GLY C 222 6.28 -17.14 -14.98
CA GLY C 222 5.10 -16.41 -15.43
C GLY C 222 3.87 -17.30 -15.33
N TRP C 223 2.93 -17.08 -16.23
CA TRP C 223 1.72 -17.90 -16.24
C TRP C 223 1.11 -17.91 -17.63
N VAL C 224 0.24 -18.89 -17.83
CA VAL C 224 -0.47 -19.10 -19.09
C VAL C 224 -1.96 -18.89 -18.82
N GLU C 225 -2.54 -17.88 -19.45
CA GLU C 225 -3.96 -17.59 -19.30
C GLU C 225 -4.73 -18.37 -20.35
N LEU C 226 -5.68 -19.19 -19.91
CA LEU C 226 -6.62 -19.87 -20.80
C LEU C 226 -8.02 -19.27 -20.64
N ASP C 227 -8.95 -19.74 -21.47
CA ASP C 227 -10.33 -19.24 -21.42
C ASP C 227 -10.92 -19.38 -20.02
N ASP C 228 -10.68 -20.53 -19.37
CA ASP C 228 -11.38 -20.88 -18.12
C ASP C 228 -10.43 -21.22 -16.97
N ASN C 229 -9.13 -21.00 -17.12
CA ASN C 229 -8.18 -21.37 -16.07
C ASN C 229 -6.90 -20.57 -16.31
N VAL C 230 -6.05 -20.55 -15.30
CA VAL C 230 -4.71 -19.99 -15.42
C VAL C 230 -3.71 -20.98 -14.83
N TRP C 231 -2.60 -21.18 -15.52
CA TRP C 231 -1.54 -22.10 -15.09
C TRP C 231 -0.29 -21.27 -14.85
N PHE C 232 0.20 -21.28 -13.62
CA PHE C 232 1.45 -20.59 -13.31
C PHE C 232 2.63 -21.51 -13.59
N PHE C 233 3.75 -20.92 -14.02
CA PHE C 233 4.94 -21.71 -14.23
C PHE C 233 6.20 -20.97 -13.77
N ALA C 234 7.19 -21.75 -13.34
CA ALA C 234 8.51 -21.25 -13.00
C ALA C 234 9.50 -22.35 -13.29
N MET C 235 10.51 -22.05 -14.09
CA MET C 235 11.52 -23.05 -14.41
C MET C 235 12.91 -22.44 -14.27
N ASN C 236 13.86 -23.28 -13.87
CA ASN C 236 15.25 -22.90 -14.05
C ASN C 236 16.04 -24.13 -14.45
N MET C 237 17.17 -23.90 -15.13
CA MET C 237 17.97 -24.96 -15.71
C MET C 237 19.43 -24.52 -15.74
N ASP C 238 20.33 -25.50 -15.72
CA ASP C 238 21.75 -25.21 -15.88
C ASP C 238 22.02 -24.59 -17.24
N MET C 239 22.84 -23.55 -17.25
CA MET C 239 23.12 -22.76 -18.47
C MET C 239 24.61 -22.43 -18.50
N PRO C 240 25.45 -23.41 -18.86
CA PRO C 240 26.91 -23.15 -18.83
C PRO C 240 27.36 -22.10 -19.85
N THR C 241 26.71 -22.01 -21.01
CA THR C 241 26.93 -20.90 -21.93
C THR C 241 25.60 -20.38 -22.43
N SER C 242 25.62 -19.17 -22.97
CA SER C 242 24.40 -18.53 -23.47
C SER C 242 23.83 -19.25 -24.69
N ASP C 243 24.54 -20.24 -25.24
CA ASP C 243 24.08 -20.93 -26.45
C ASP C 243 22.70 -21.57 -26.26
N GLY C 244 22.39 -22.03 -25.04
CA GLY C 244 21.17 -22.75 -24.79
C GLY C 244 20.01 -21.95 -24.25
N LEU C 245 20.10 -20.61 -24.24
CA LEU C 245 19.08 -19.81 -23.58
C LEU C 245 17.69 -20.07 -24.15
N GLY C 246 17.61 -20.36 -25.45
CA GLY C 246 16.33 -20.71 -26.06
C GLY C 246 15.68 -21.94 -25.46
N LEU C 247 16.47 -22.78 -24.79
CA LEU C 247 15.87 -23.96 -24.18
C LEU C 247 14.97 -23.62 -23.01
N ARG C 248 15.11 -22.43 -22.42
CA ARG C 248 14.22 -22.03 -21.34
C ARG C 248 12.77 -22.09 -21.79
N GLN C 249 12.45 -21.39 -22.89
CA GLN C 249 11.08 -21.42 -23.40
C GLN C 249 10.77 -22.74 -24.11
N ALA C 250 11.75 -23.34 -24.78
CA ALA C 250 11.45 -24.57 -25.54
C ALA C 250 11.08 -25.71 -24.61
N ILE C 251 11.87 -25.93 -23.55
CA ILE C 251 11.58 -27.04 -22.65
C ILE C 251 10.27 -26.81 -21.92
N THR C 252 10.01 -25.56 -21.50
CA THR C 252 8.75 -25.28 -20.80
C THR C 252 7.55 -25.58 -21.67
N LYS C 253 7.62 -25.23 -22.96
CA LYS C 253 6.48 -25.49 -23.84
C LYS C 253 6.29 -26.99 -24.07
N GLU C 254 7.38 -27.75 -24.15
CA GLU C 254 7.25 -29.20 -24.26
C GLU C 254 6.47 -29.76 -23.09
N VAL C 255 6.68 -29.20 -21.90
CA VAL C 255 5.95 -29.65 -20.72
C VAL C 255 4.49 -29.22 -20.79
N LEU C 256 4.24 -27.96 -21.19
CA LEU C 256 2.87 -27.49 -21.31
C LEU C 256 2.10 -28.33 -22.32
N LYS C 257 2.73 -28.67 -23.45
CA LYS C 257 2.06 -29.48 -24.46
C LYS C 257 1.73 -30.88 -23.92
N GLN C 258 2.70 -31.51 -23.24
CA GLN C 258 2.44 -32.83 -22.67
C GLN C 258 1.28 -32.81 -21.70
N GLU C 259 1.16 -31.75 -20.90
CA GLU C 259 0.04 -31.65 -19.97
C GLU C 259 -1.22 -31.07 -20.61
N LYS C 260 -1.23 -30.88 -21.93
CA LYS C 260 -2.38 -30.41 -22.71
C LYS C 260 -2.82 -29.00 -22.34
N ILE C 261 -1.91 -28.22 -21.75
CA ILE C 261 -2.23 -26.83 -21.41
C ILE C 261 -2.27 -25.98 -22.67
N ILE C 262 -1.39 -26.25 -23.63
CA ILE C 262 -1.40 -25.57 -24.92
C ILE C 262 -1.38 -26.63 -26.02
N PRO C 263 -1.94 -26.35 -27.21
CA PRO C 263 -1.94 -27.34 -28.29
C PRO C 263 -0.54 -27.66 -28.81
N PHE D 20 -1.98 19.27 -38.40
CA PHE D 20 -1.70 19.10 -39.83
C PHE D 20 -1.71 17.62 -40.22
N GLN D 21 -2.87 17.16 -40.67
CA GLN D 21 -3.03 15.79 -41.14
C GLN D 21 -2.53 15.64 -42.57
N GLY D 22 -1.89 14.51 -42.85
CA GLY D 22 -1.51 14.14 -44.20
C GLY D 22 -2.13 12.80 -44.55
N TRP D 23 -2.55 12.67 -45.81
CA TRP D 23 -3.20 11.45 -46.26
C TRP D 23 -2.63 11.02 -47.60
N GLN D 24 -2.62 9.71 -47.83
CA GLN D 24 -2.01 9.16 -49.03
C GLN D 24 -2.82 7.97 -49.49
N GLU D 25 -3.10 7.91 -50.79
CA GLU D 25 -3.80 6.79 -51.39
C GLU D 25 -2.77 5.89 -52.08
N ASN D 26 -2.74 4.61 -51.69
CA ASN D 26 -1.86 3.62 -52.29
C ASN D 26 -2.73 2.48 -52.86
N LYS D 27 -2.98 2.52 -54.16
CA LYS D 27 -3.85 1.51 -54.75
C LYS D 27 -3.15 0.18 -54.97
N SER D 28 -1.84 0.09 -54.74
CA SER D 28 -1.15 -1.20 -54.88
C SER D 28 -1.64 -2.22 -53.86
N TRP D 29 -2.24 -1.77 -52.75
CA TRP D 29 -2.83 -2.72 -51.81
C TRP D 29 -3.98 -3.50 -52.43
N ASN D 30 -4.61 -2.97 -53.49
CA ASN D 30 -5.75 -3.66 -54.09
C ASN D 30 -5.39 -5.07 -54.57
N ALA D 31 -4.11 -5.34 -54.85
CA ALA D 31 -3.68 -6.69 -55.21
C ALA D 31 -4.06 -7.71 -54.15
N HIS D 32 -4.07 -7.30 -52.87
CA HIS D 32 -4.40 -8.26 -51.81
C HIS D 32 -5.89 -8.55 -51.79
N PHE D 33 -6.72 -7.54 -52.08
CA PHE D 33 -8.15 -7.78 -52.26
C PHE D 33 -8.39 -8.63 -53.52
N THR D 34 -7.65 -8.35 -54.59
CA THR D 34 -7.82 -9.09 -55.83
C THR D 34 -7.43 -10.55 -55.68
N GLU D 35 -6.31 -10.83 -54.99
CA GLU D 35 -5.91 -12.21 -54.73
C GLU D 35 -7.04 -13.02 -54.13
N HIS D 36 -7.90 -12.39 -53.32
CA HIS D 36 -8.95 -13.12 -52.62
C HIS D 36 -10.34 -12.83 -53.21
N LYS D 37 -10.40 -12.31 -54.43
CA LYS D 37 -11.67 -12.04 -55.11
C LYS D 37 -12.56 -11.16 -54.23
N SER D 38 -11.97 -10.11 -53.68
CA SER D 38 -12.56 -9.36 -52.59
C SER D 38 -12.64 -7.88 -52.92
N GLN D 39 -13.50 -7.17 -52.21
CA GLN D 39 -13.64 -5.73 -52.32
C GLN D 39 -13.68 -5.10 -50.93
N GLY D 40 -12.91 -4.02 -50.73
CA GLY D 40 -12.96 -3.30 -49.47
C GLY D 40 -11.83 -2.29 -49.35
N VAL D 41 -11.64 -1.82 -48.11
CA VAL D 41 -10.67 -0.77 -47.80
C VAL D 41 -9.88 -1.16 -46.55
N VAL D 42 -8.58 -0.83 -46.56
CA VAL D 42 -7.73 -0.87 -45.37
C VAL D 42 -7.21 0.55 -45.14
N VAL D 43 -7.33 1.04 -43.91
CA VAL D 43 -6.80 2.34 -43.52
C VAL D 43 -5.74 2.15 -42.45
N LEU D 44 -4.56 2.71 -42.67
CA LEU D 44 -3.49 2.71 -41.69
C LEU D 44 -3.20 4.14 -41.24
N TRP D 45 -2.77 4.27 -39.99
CA TRP D 45 -2.39 5.58 -39.44
C TRP D 45 -1.10 5.44 -38.67
N ASN D 46 -0.06 6.14 -39.14
CA ASN D 46 1.24 6.22 -38.47
C ASN D 46 1.14 7.25 -37.36
N GLU D 47 1.19 6.79 -36.10
CA GLU D 47 0.96 7.70 -34.98
C GLU D 47 2.11 8.69 -34.80
N ASN D 48 3.34 8.22 -34.95
CA ASN D 48 4.49 9.11 -34.83
C ASN D 48 4.43 10.23 -35.86
N LYS D 49 4.29 9.86 -37.14
CA LYS D 49 4.34 10.83 -38.22
C LYS D 49 3.00 11.50 -38.50
N GLN D 50 1.92 11.05 -37.86
CA GLN D 50 0.59 11.63 -38.03
C GLN D 50 0.18 11.64 -39.51
N GLN D 51 0.33 10.49 -40.15
CA GLN D 51 0.02 10.32 -41.57
C GLN D 51 -0.83 9.07 -41.78
N GLY D 52 -1.83 9.19 -42.63
CA GLY D 52 -2.72 8.08 -42.94
C GLY D 52 -2.51 7.55 -44.35
N PHE D 53 -2.76 6.27 -44.53
CA PHE D 53 -2.60 5.59 -45.81
C PHE D 53 -3.81 4.69 -46.05
N THR D 54 -4.26 4.62 -47.30
CA THR D 54 -5.38 3.76 -47.65
C THR D 54 -5.35 3.44 -49.14
N ASN D 55 -5.99 2.33 -49.50
CA ASN D 55 -6.16 2.01 -50.91
C ASN D 55 -7.38 2.70 -51.53
N ASN D 56 -8.25 3.32 -50.73
CA ASN D 56 -9.51 3.86 -51.25
C ASN D 56 -9.95 4.98 -50.31
N LEU D 57 -9.61 6.22 -50.66
CA LEU D 57 -9.93 7.37 -49.83
C LEU D 57 -11.43 7.56 -49.66
N LYS D 58 -12.23 7.26 -50.69
CA LYS D 58 -13.67 7.47 -50.55
C LYS D 58 -14.29 6.40 -49.65
N ARG D 59 -13.90 5.13 -49.81
CA ARG D 59 -14.47 4.11 -48.93
C ARG D 59 -13.92 4.23 -47.52
N ALA D 60 -12.71 4.77 -47.36
CA ALA D 60 -12.18 5.01 -46.02
C ALA D 60 -13.09 5.91 -45.19
N ASN D 61 -13.86 6.78 -45.84
CA ASN D 61 -14.71 7.75 -45.16
C ASN D 61 -16.19 7.42 -45.23
N GLN D 62 -16.55 6.25 -45.75
CA GLN D 62 -17.93 5.82 -45.80
C GLN D 62 -18.32 5.17 -44.48
N ALA D 63 -19.44 5.61 -43.90
CA ALA D 63 -19.84 5.18 -42.56
C ALA D 63 -20.80 4.00 -42.66
N PHE D 64 -20.54 2.96 -41.86
CA PHE D 64 -21.31 1.74 -41.85
C PHE D 64 -21.77 1.43 -40.42
N LEU D 65 -22.65 0.43 -40.28
CA LEU D 65 -22.96 -0.06 -38.96
C LEU D 65 -21.71 -0.64 -38.30
N PRO D 66 -21.43 -0.32 -37.04
CA PRO D 66 -20.25 -0.89 -36.38
C PRO D 66 -20.36 -2.39 -36.09
N ALA D 67 -21.59 -2.95 -36.01
CA ALA D 67 -21.80 -4.32 -35.53
C ALA D 67 -20.92 -4.60 -34.33
N SER D 68 -20.18 -5.71 -34.33
CA SER D 68 -19.50 -6.12 -33.09
C SER D 68 -18.34 -5.22 -32.71
N THR D 69 -17.85 -4.34 -33.59
CA THR D 69 -16.83 -3.40 -33.13
C THR D 69 -17.38 -2.45 -32.08
N PHE D 70 -18.71 -2.35 -31.96
CA PHE D 70 -19.27 -1.50 -30.91
C PHE D 70 -19.02 -2.07 -29.51
N LYS D 71 -18.54 -3.30 -29.40
CA LYS D 71 -18.18 -3.84 -28.10
C LYS D 71 -17.08 -3.02 -27.42
N ILE D 72 -16.26 -2.30 -28.17
CA ILE D 72 -15.22 -1.50 -27.54
C ILE D 72 -15.86 -0.36 -26.75
N PRO D 73 -16.62 0.56 -27.36
CA PRO D 73 -17.24 1.61 -26.54
C PRO D 73 -18.23 1.04 -25.53
N ASN D 74 -18.95 -0.03 -25.88
CA ASN D 74 -19.91 -0.63 -24.96
C ASN D 74 -19.22 -1.05 -23.67
N SER D 75 -18.14 -1.83 -23.79
CA SER D 75 -17.37 -2.25 -22.61
C SER D 75 -16.91 -1.07 -21.78
N LEU D 76 -16.37 -0.04 -22.44
CA LEU D 76 -15.89 1.13 -21.72
C LEU D 76 -16.98 1.79 -20.92
N ILE D 77 -18.17 1.96 -21.50
CA ILE D 77 -19.29 2.56 -20.79
C ILE D 77 -19.72 1.67 -19.64
N ALA D 78 -19.94 0.37 -19.93
CA ALA D 78 -20.33 -0.59 -18.90
C ALA D 78 -19.33 -0.63 -17.74
N LEU D 79 -18.03 -0.57 -18.04
CA LEU D 79 -17.05 -0.60 -16.97
C LEU D 79 -17.07 0.69 -16.17
N ASP D 80 -17.15 1.83 -16.85
CA ASP D 80 -17.10 3.12 -16.15
C ASP D 80 -18.33 3.36 -15.28
N LEU D 81 -19.45 2.72 -15.59
CA LEU D 81 -20.67 2.87 -14.81
C LEU D 81 -20.85 1.78 -13.77
N GLY D 82 -19.93 0.83 -13.68
CA GLY D 82 -20.06 -0.26 -12.73
C GLY D 82 -21.00 -1.37 -13.15
N VAL D 83 -21.56 -1.32 -14.36
CA VAL D 83 -22.32 -2.46 -14.86
C VAL D 83 -21.42 -3.69 -14.91
N VAL D 84 -20.15 -3.51 -15.29
CA VAL D 84 -19.14 -4.57 -15.24
C VAL D 84 -18.14 -4.20 -14.15
N LYS D 85 -17.99 -5.08 -13.15
CA LYS D 85 -17.11 -4.79 -12.02
C LYS D 85 -15.64 -4.89 -12.41
N ASP D 86 -15.25 -5.99 -13.04
CA ASP D 86 -13.89 -6.15 -13.55
C ASP D 86 -13.91 -7.22 -14.63
N GLU D 87 -12.72 -7.60 -15.12
CA GLU D 87 -12.57 -8.56 -16.20
C GLU D 87 -12.79 -10.01 -15.75
N HIS D 88 -12.98 -10.26 -14.45
CA HIS D 88 -13.26 -11.60 -13.96
C HIS D 88 -14.74 -11.84 -13.66
N GLN D 89 -15.54 -10.79 -13.54
CA GLN D 89 -16.95 -10.96 -13.25
C GLN D 89 -17.62 -11.85 -14.30
N VAL D 90 -18.34 -12.87 -13.82
CA VAL D 90 -18.95 -13.88 -14.68
C VAL D 90 -20.36 -13.44 -15.03
N PHE D 91 -20.69 -13.49 -16.33
CA PHE D 91 -22.03 -13.24 -16.83
C PHE D 91 -22.63 -14.58 -17.25
N LYS D 92 -23.56 -15.09 -16.44
CA LYS D 92 -24.07 -16.44 -16.61
C LYS D 92 -24.88 -16.58 -17.89
N TRP D 93 -24.72 -17.72 -18.57
CA TRP D 93 -25.52 -18.01 -19.75
C TRP D 93 -27.00 -18.06 -19.40
N ASP D 94 -27.83 -17.33 -20.16
CA ASP D 94 -29.25 -17.23 -19.84
C ASP D 94 -30.04 -18.49 -20.18
N GLY D 95 -29.40 -19.51 -20.76
CA GLY D 95 -30.04 -20.78 -21.04
C GLY D 95 -30.61 -20.94 -22.43
N GLN D 96 -30.68 -19.88 -23.22
CA GLN D 96 -31.22 -19.96 -24.57
C GLN D 96 -30.13 -20.43 -25.53
N THR D 97 -30.34 -21.59 -26.15
CA THR D 97 -29.37 -22.13 -27.10
C THR D 97 -29.43 -21.34 -28.41
N ARG D 98 -28.30 -20.75 -28.80
CA ARG D 98 -28.19 -19.94 -30.00
C ARG D 98 -27.26 -20.62 -30.99
N ASP D 99 -27.16 -20.02 -32.19
CA ASP D 99 -26.48 -20.67 -33.30
C ASP D 99 -24.99 -20.88 -33.01
N ILE D 100 -24.30 -19.83 -32.61
CA ILE D 100 -22.85 -19.91 -32.39
C ILE D 100 -22.59 -20.62 -31.06
N ALA D 101 -21.93 -21.78 -31.13
CA ALA D 101 -21.80 -22.64 -29.97
C ALA D 101 -21.12 -21.93 -28.80
N THR D 102 -20.12 -21.10 -29.07
CA THR D 102 -19.35 -20.48 -28.00
C THR D 102 -20.18 -19.51 -27.15
N TRP D 103 -21.34 -19.08 -27.64
CA TRP D 103 -22.18 -18.19 -26.84
C TRP D 103 -22.96 -18.92 -25.74
N ASN D 104 -23.10 -20.24 -25.87
CA ASN D 104 -23.97 -21.01 -24.97
C ASN D 104 -23.20 -21.52 -23.75
N ARG D 105 -22.70 -20.57 -22.97
CA ARG D 105 -21.88 -20.85 -21.79
C ARG D 105 -21.68 -19.54 -21.03
N ASP D 106 -21.13 -19.64 -19.83
CA ASP D 106 -20.81 -18.47 -19.05
C ASP D 106 -19.60 -17.74 -19.63
N HIS D 107 -19.48 -16.45 -19.30
CA HIS D 107 -18.44 -15.60 -19.86
C HIS D 107 -18.05 -14.52 -18.87
N ASN D 108 -16.81 -14.04 -19.00
CA ASN D 108 -16.38 -12.78 -18.43
C ASN D 108 -16.14 -11.80 -19.57
N LEU D 109 -15.60 -10.62 -19.24
CA LEU D 109 -15.37 -9.62 -20.28
C LEU D 109 -14.38 -10.14 -21.32
N ILE D 110 -13.37 -10.89 -20.88
CA ILE D 110 -12.30 -11.31 -21.77
C ILE D 110 -12.81 -12.33 -22.80
N THR D 111 -13.60 -13.31 -22.35
CA THR D 111 -14.12 -14.30 -23.31
C THR D 111 -15.28 -13.73 -24.12
N ALA D 112 -16.09 -12.85 -23.53
CA ALA D 112 -17.18 -12.23 -24.29
C ALA D 112 -16.65 -11.44 -25.48
N MET D 113 -15.47 -10.82 -25.33
N MET D 113 -15.49 -10.80 -25.32
CA MET D 113 -14.89 -10.09 -26.45
CA MET D 113 -14.87 -10.08 -26.43
C MET D 113 -14.23 -11.02 -27.46
C MET D 113 -14.31 -11.07 -27.45
N LYS D 114 -13.52 -12.03 -26.97
CA LYS D 114 -12.85 -12.99 -27.86
C LYS D 114 -13.86 -13.71 -28.75
N TYR D 115 -14.96 -14.18 -28.18
CA TYR D 115 -15.98 -14.92 -28.91
C TYR D 115 -17.14 -14.04 -29.36
N SER D 116 -17.08 -12.74 -29.10
CA SER D 116 -18.03 -11.77 -29.64
C SER D 116 -19.48 -12.12 -29.24
N VAL D 117 -19.68 -12.27 -27.94
CA VAL D 117 -20.94 -12.81 -27.40
C VAL D 117 -21.98 -11.69 -27.34
N VAL D 118 -22.78 -11.56 -28.41
CA VAL D 118 -23.78 -10.48 -28.48
C VAL D 118 -24.70 -10.42 -27.26
N PRO D 119 -25.34 -11.51 -26.81
CA PRO D 119 -26.34 -11.36 -25.74
C PRO D 119 -25.79 -10.76 -24.46
N VAL D 120 -24.51 -11.02 -24.13
CA VAL D 120 -23.94 -10.43 -22.92
C VAL D 120 -23.84 -8.92 -23.05
N TYR D 121 -23.45 -8.43 -24.22
CA TYR D 121 -23.38 -6.99 -24.44
C TYR D 121 -24.76 -6.36 -24.62
N GLN D 122 -25.75 -7.12 -25.11
CA GLN D 122 -27.09 -6.54 -25.15
C GLN D 122 -27.61 -6.29 -23.74
N GLU D 123 -27.30 -7.20 -22.80
CA GLU D 123 -27.63 -6.98 -21.40
C GLU D 123 -26.90 -5.74 -20.86
N PHE D 124 -25.61 -5.59 -21.18
CA PHE D 124 -24.89 -4.38 -20.81
C PHE D 124 -25.66 -3.13 -21.28
N ALA D 125 -26.02 -3.09 -22.56
CA ALA D 125 -26.64 -1.88 -23.09
C ALA D 125 -27.97 -1.59 -22.41
N ARG D 126 -28.71 -2.63 -22.03
CA ARG D 126 -29.99 -2.39 -21.36
C ARG D 126 -29.76 -1.76 -19.99
N GLN D 127 -28.71 -2.18 -19.28
CA GLN D 127 -28.41 -1.61 -17.97
C GLN D 127 -27.81 -0.22 -18.07
N ILE D 128 -27.12 0.08 -19.17
CA ILE D 128 -26.64 1.43 -19.39
C ILE D 128 -27.81 2.38 -19.59
N GLY D 129 -28.75 2.01 -20.46
CA GLY D 129 -29.89 2.88 -20.69
C GLY D 129 -29.63 3.89 -21.79
N GLU D 130 -30.72 4.33 -22.44
CA GLU D 130 -30.61 5.17 -23.63
C GLU D 130 -29.93 6.51 -23.33
N ALA D 131 -30.30 7.16 -22.23
CA ALA D 131 -29.75 8.49 -21.99
C ALA D 131 -28.26 8.43 -21.69
N ARG D 132 -27.82 7.45 -20.90
CA ARG D 132 -26.40 7.34 -20.61
C ARG D 132 -25.61 6.94 -21.85
N MET D 133 -26.12 5.94 -22.59
CA MET D 133 -25.49 5.52 -23.84
C MET D 133 -25.29 6.71 -24.78
N SER D 134 -26.34 7.52 -24.97
CA SER D 134 -26.23 8.63 -25.91
C SER D 134 -25.28 9.69 -25.39
N LYS D 135 -25.33 10.01 -24.10
CA LYS D 135 -24.41 11.01 -23.55
C LYS D 135 -22.97 10.58 -23.73
N MET D 136 -22.67 9.31 -23.48
CA MET D 136 -21.29 8.82 -23.57
C MET D 136 -20.80 8.81 -25.02
N LEU D 137 -21.63 8.36 -25.96
CA LEU D 137 -21.18 8.33 -27.35
C LEU D 137 -20.95 9.73 -27.88
N HIS D 138 -21.73 10.71 -27.43
N HIS D 138 -21.74 10.71 -27.43
CA HIS D 138 -21.43 12.09 -27.79
CA HIS D 138 -21.46 12.10 -27.77
C HIS D 138 -20.10 12.54 -27.19
C HIS D 138 -20.11 12.53 -27.20
N ALA D 139 -19.85 12.20 -25.92
CA ALA D 139 -18.57 12.54 -25.31
C ALA D 139 -17.41 11.82 -26.00
N PHE D 140 -17.65 10.62 -26.54
CA PHE D 140 -16.64 9.88 -27.30
C PHE D 140 -16.45 10.41 -28.71
N ASP D 141 -17.33 11.30 -29.20
CA ASP D 141 -17.31 11.74 -30.59
C ASP D 141 -17.34 10.55 -31.54
N TYR D 142 -18.19 9.56 -31.21
CA TYR D 142 -18.19 8.25 -31.87
C TYR D 142 -19.12 8.26 -33.08
N GLY D 143 -18.54 8.24 -34.28
CA GLY D 143 -19.35 8.12 -35.49
C GLY D 143 -20.35 9.25 -35.60
N ASN D 144 -21.57 8.92 -36.03
CA ASN D 144 -22.63 9.92 -36.11
C ASN D 144 -23.38 10.10 -34.79
N GLU D 145 -22.98 9.41 -33.72
CA GLU D 145 -23.51 9.62 -32.36
C GLU D 145 -25.02 9.41 -32.26
N ASP D 146 -25.60 8.59 -33.13
CA ASP D 146 -27.06 8.43 -33.24
C ASP D 146 -27.45 7.02 -32.78
N ILE D 147 -28.10 6.92 -31.62
CA ILE D 147 -28.46 5.61 -31.07
C ILE D 147 -29.88 5.21 -31.42
N SER D 148 -30.50 5.88 -32.40
CA SER D 148 -31.86 5.54 -32.83
C SER D 148 -32.03 4.04 -33.05
N GLY D 149 -33.11 3.50 -32.48
CA GLY D 149 -33.41 2.09 -32.58
C GLY D 149 -33.55 1.46 -31.21
N ASN D 150 -33.50 0.13 -31.14
CA ASN D 150 -33.53 -0.53 -29.85
C ASN D 150 -32.27 -0.21 -29.07
N VAL D 151 -32.42 0.02 -27.76
CA VAL D 151 -31.27 0.33 -26.92
C VAL D 151 -30.28 -0.83 -26.89
N ASP D 152 -30.72 -2.05 -27.22
CA ASP D 152 -29.84 -3.21 -27.23
C ASP D 152 -29.64 -3.78 -28.64
N SER D 153 -29.81 -2.95 -29.67
CA SER D 153 -29.52 -3.44 -31.02
C SER D 153 -29.18 -2.33 -32.00
N PHE D 154 -29.12 -1.08 -31.54
CA PHE D 154 -29.00 0.04 -32.48
C PHE D 154 -27.71 -0.04 -33.29
N TRP D 155 -26.68 -0.65 -32.73
CA TRP D 155 -25.40 -0.80 -33.42
C TRP D 155 -25.40 -1.99 -34.37
N LEU D 156 -26.47 -2.77 -34.40
CA LEU D 156 -26.66 -3.88 -35.33
C LEU D 156 -27.65 -3.56 -36.42
N ASP D 157 -28.75 -2.87 -36.08
CA ASP D 157 -29.77 -2.56 -37.08
C ASP D 157 -30.45 -1.22 -36.83
N GLY D 158 -29.78 -0.29 -36.14
CA GLY D 158 -30.32 1.04 -35.92
C GLY D 158 -29.62 2.11 -36.73
N GLY D 159 -29.56 3.34 -36.19
CA GLY D 159 -29.14 4.49 -36.96
C GLY D 159 -27.68 4.89 -36.84
N ILE D 160 -26.92 4.25 -35.95
CA ILE D 160 -25.54 4.65 -35.74
C ILE D 160 -24.69 4.21 -36.91
N ARG D 161 -23.75 5.07 -37.32
CA ARG D 161 -22.85 4.78 -38.42
C ARG D 161 -21.47 5.35 -38.11
N ILE D 162 -20.43 4.63 -38.53
CA ILE D 162 -19.05 5.04 -38.29
C ILE D 162 -18.20 4.61 -39.49
N SER D 163 -17.27 5.47 -39.90
CA SER D 163 -16.35 5.16 -40.98
C SER D 163 -15.06 4.54 -40.42
N ALA D 164 -14.23 4.03 -41.32
CA ALA D 164 -12.94 3.48 -40.91
C ALA D 164 -12.04 4.57 -40.32
N THR D 165 -12.03 5.76 -40.92
CA THR D 165 -11.22 6.85 -40.37
C THR D 165 -11.75 7.35 -39.02
N GLU D 166 -13.08 7.31 -38.83
CA GLU D 166 -13.66 7.65 -37.54
C GLU D 166 -13.38 6.58 -36.49
N GLN D 167 -13.28 5.30 -36.90
CA GLN D 167 -12.85 4.27 -35.96
C GLN D 167 -11.45 4.54 -35.45
N ILE D 168 -10.56 5.00 -36.34
CA ILE D 168 -9.17 5.26 -35.95
C ILE D 168 -9.10 6.43 -34.97
N SER D 169 -9.86 7.50 -35.23
CA SER D 169 -9.85 8.65 -34.30
C SER D 169 -10.28 8.23 -32.90
N PHE D 170 -11.32 7.40 -32.82
CA PHE D 170 -11.77 6.86 -31.53
C PHE D 170 -10.71 5.99 -30.88
N LEU D 171 -10.07 5.11 -31.66
CA LEU D 171 -9.07 4.21 -31.10
C LEU D 171 -7.86 4.99 -30.58
N ARG D 172 -7.48 6.07 -31.27
CA ARG D 172 -6.34 6.86 -30.81
C ARG D 172 -6.57 7.40 -29.41
N LYS D 173 -7.78 7.92 -29.15
CA LYS D 173 -8.08 8.42 -27.81
C LYS D 173 -8.01 7.30 -26.78
N LEU D 174 -8.62 6.15 -27.09
CA LEU D 174 -8.51 4.99 -26.21
C LEU D 174 -7.05 4.64 -25.92
N TYR D 175 -6.23 4.58 -26.97
CA TYR D 175 -4.82 4.24 -26.77
C TYR D 175 -4.16 5.18 -25.76
N HIS D 176 -4.43 6.49 -25.87
CA HIS D 176 -3.80 7.51 -25.04
C HIS D 176 -4.54 7.76 -23.74
N ASN D 177 -5.53 6.92 -23.38
CA ASN D 177 -6.36 7.11 -22.19
C ASN D 177 -7.08 8.46 -22.18
N LYS D 178 -7.42 8.99 -23.35
CA LYS D 178 -7.99 10.33 -23.45
C LYS D 178 -9.52 10.34 -23.55
N LEU D 179 -10.17 9.18 -23.56
CA LEU D 179 -11.64 9.18 -23.53
C LEU D 179 -12.13 9.59 -22.15
N HIS D 180 -13.38 10.06 -22.10
CA HIS D 180 -13.95 10.59 -20.86
C HIS D 180 -14.60 9.48 -20.04
N VAL D 181 -13.76 8.48 -19.73
CA VAL D 181 -14.02 7.47 -18.72
C VAL D 181 -12.74 7.30 -17.91
N SER D 182 -12.80 6.46 -16.88
CA SER D 182 -11.65 6.31 -15.98
C SER D 182 -10.47 5.67 -16.71
N GLU D 183 -9.27 5.98 -16.25
CA GLU D 183 -8.09 5.31 -16.79
C GLU D 183 -8.21 3.80 -16.63
N ARG D 184 -8.69 3.34 -15.47
CA ARG D 184 -8.84 1.91 -15.23
C ARG D 184 -9.75 1.26 -16.27
N SER D 185 -10.88 1.90 -16.58
CA SER D 185 -11.79 1.38 -17.60
C SER D 185 -11.08 1.20 -18.93
N GLN D 186 -10.30 2.19 -19.34
CA GLN D 186 -9.61 2.11 -20.62
C GLN D 186 -8.52 1.03 -20.60
N ARG D 187 -7.80 0.89 -19.49
CA ARG D 187 -6.81 -0.18 -19.39
C ARG D 187 -7.46 -1.57 -19.51
N ILE D 188 -8.60 -1.77 -18.85
CA ILE D 188 -9.23 -3.10 -18.88
C ILE D 188 -9.69 -3.44 -20.29
N VAL D 189 -10.29 -2.47 -21.00
CA VAL D 189 -10.77 -2.73 -22.36
C VAL D 189 -9.59 -3.00 -23.31
N LYS D 190 -8.50 -2.25 -23.14
CA LYS D 190 -7.35 -2.54 -23.98
C LYS D 190 -6.76 -3.92 -23.66
N GLN D 191 -6.84 -4.36 -22.41
CA GLN D 191 -6.51 -5.76 -22.11
C GLN D 191 -7.44 -6.71 -22.86
N ALA D 192 -8.75 -6.45 -22.79
CA ALA D 192 -9.71 -7.37 -23.39
C ALA D 192 -9.61 -7.38 -24.91
N MET D 193 -9.04 -6.33 -25.52
CA MET D 193 -8.84 -6.28 -26.96
C MET D 193 -7.64 -7.11 -27.43
N LEU D 194 -6.82 -7.63 -26.51
CA LEU D 194 -5.60 -8.31 -26.92
C LEU D 194 -5.92 -9.49 -27.83
N THR D 195 -5.26 -9.54 -28.97
CA THR D 195 -5.57 -10.52 -30.00
C THR D 195 -4.37 -11.35 -30.40
N GLU D 196 -3.20 -10.73 -30.51
CA GLU D 196 -1.99 -11.44 -30.90
C GLU D 196 -0.79 -10.74 -30.31
N ALA D 197 0.22 -11.50 -29.89
CA ALA D 197 1.47 -10.90 -29.44
C ALA D 197 2.62 -11.86 -29.64
N ASN D 198 3.78 -11.32 -30.02
CA ASN D 198 5.01 -12.10 -30.14
C ASN D 198 6.19 -11.15 -29.92
N GLY D 199 7.39 -11.60 -30.26
CA GLY D 199 8.55 -10.73 -30.13
C GLY D 199 8.62 -9.61 -31.15
N ASP D 200 7.74 -9.63 -32.16
CA ASP D 200 7.80 -8.57 -33.17
C ASP D 200 6.71 -7.52 -33.01
N TYR D 201 5.52 -7.87 -32.53
CA TYR D 201 4.44 -6.89 -32.50
C TYR D 201 3.36 -7.36 -31.54
N ILE D 202 2.48 -6.43 -31.17
CA ILE D 202 1.29 -6.72 -30.38
C ILE D 202 0.10 -6.16 -31.16
N ILE D 203 -0.96 -6.95 -31.30
CA ILE D 203 -2.19 -6.48 -31.95
C ILE D 203 -3.31 -6.47 -30.92
N ARG D 204 -3.91 -5.31 -30.75
CA ARG D 204 -5.17 -5.16 -30.01
C ARG D 204 -6.22 -4.71 -31.01
N ALA D 205 -7.36 -5.39 -31.04
CA ALA D 205 -8.29 -5.18 -32.15
C ALA D 205 -9.62 -5.83 -31.83
N LYS D 206 -10.63 -5.53 -32.66
CA LYS D 206 -11.92 -6.18 -32.54
C LYS D 206 -12.49 -6.42 -33.94
N THR D 207 -13.02 -7.63 -34.16
CA THR D 207 -13.66 -7.96 -35.42
C THR D 207 -15.12 -7.52 -35.42
N GLY D 208 -15.72 -7.51 -36.61
CA GLY D 208 -17.11 -7.15 -36.74
C GLY D 208 -17.70 -7.74 -38.01
N TYR D 209 -19.00 -8.05 -37.95
CA TYR D 209 -19.67 -8.64 -39.10
C TYR D 209 -21.10 -8.10 -39.13
N SER D 210 -21.38 -7.21 -40.08
CA SER D 210 -22.66 -6.51 -40.16
C SER D 210 -23.54 -7.19 -41.21
N THR D 211 -24.62 -7.84 -40.76
CA THR D 211 -25.50 -8.56 -41.67
C THR D 211 -26.95 -8.08 -41.67
N ARG D 212 -27.43 -7.39 -40.64
CA ARG D 212 -28.86 -7.15 -40.50
C ARG D 212 -29.37 -6.11 -41.49
N ILE D 213 -28.53 -5.18 -41.94
CA ILE D 213 -28.90 -4.18 -42.93
C ILE D 213 -27.83 -4.13 -44.00
N GLU D 214 -28.25 -3.96 -45.25
CA GLU D 214 -27.32 -3.94 -46.36
C GLU D 214 -26.45 -2.69 -46.32
N PRO D 215 -25.20 -2.76 -46.82
CA PRO D 215 -24.60 -3.98 -47.39
C PRO D 215 -23.90 -4.81 -46.33
N LYS D 216 -23.85 -6.13 -46.52
CA LYS D 216 -23.18 -6.99 -45.55
C LYS D 216 -21.68 -6.77 -45.63
N ILE D 217 -21.04 -6.40 -44.51
CA ILE D 217 -19.61 -6.12 -44.50
C ILE D 217 -18.97 -6.79 -43.29
N GLY D 218 -17.66 -6.95 -43.37
CA GLY D 218 -16.86 -7.39 -42.24
C GLY D 218 -15.89 -6.28 -41.86
N TRP D 219 -15.62 -6.17 -40.55
CA TRP D 219 -14.75 -5.15 -39.98
C TRP D 219 -13.52 -5.80 -39.36
N TRP D 220 -12.42 -5.04 -39.29
CA TRP D 220 -11.36 -5.32 -38.31
C TRP D 220 -10.71 -3.99 -37.95
N VAL D 221 -10.81 -3.58 -36.68
CA VAL D 221 -10.30 -2.29 -36.24
C VAL D 221 -9.42 -2.47 -35.00
N GLY D 222 -8.30 -1.77 -34.97
CA GLY D 222 -7.40 -1.91 -33.84
C GLY D 222 -6.10 -1.18 -34.06
N TRP D 223 -5.00 -1.77 -33.61
CA TRP D 223 -3.69 -1.15 -33.81
C TRP D 223 -2.60 -2.17 -33.56
N VAL D 224 -1.42 -1.86 -34.10
CA VAL D 224 -0.24 -2.71 -34.00
C VAL D 224 0.79 -1.95 -33.17
N GLU D 225 1.20 -2.53 -32.06
CA GLU D 225 2.20 -1.91 -31.18
C GLU D 225 3.58 -2.41 -31.60
N LEU D 226 4.46 -1.49 -31.92
CA LEU D 226 5.88 -1.77 -32.14
C LEU D 226 6.69 -1.14 -31.02
N ASP D 227 7.98 -1.46 -31.00
CA ASP D 227 8.91 -0.91 -30.01
C ASP D 227 8.84 0.61 -29.94
N ASP D 228 8.77 1.29 -31.10
CA ASP D 228 8.99 2.73 -31.17
C ASP D 228 7.89 3.49 -31.90
N ASN D 229 6.76 2.85 -32.18
CA ASN D 229 5.67 3.50 -32.91
C ASN D 229 4.42 2.66 -32.67
N VAL D 230 3.27 3.21 -33.04
CA VAL D 230 1.98 2.52 -33.06
C VAL D 230 1.36 2.76 -34.43
N TRP D 231 0.84 1.69 -35.03
CA TRP D 231 0.13 1.75 -36.31
C TRP D 231 -1.33 1.39 -36.06
N PHE D 232 -2.22 2.38 -36.10
CA PHE D 232 -3.65 2.11 -35.98
C PHE D 232 -4.20 1.64 -37.33
N PHE D 233 -5.21 0.78 -37.28
CA PHE D 233 -5.80 0.30 -38.52
C PHE D 233 -7.31 0.15 -38.39
N ALA D 234 -7.99 0.34 -39.52
CA ALA D 234 -9.40 -0.02 -39.62
C ALA D 234 -9.63 -0.50 -41.04
N MET D 235 -10.24 -1.68 -41.16
CA MET D 235 -10.59 -2.21 -42.46
C MET D 235 -12.05 -2.65 -42.45
N ASN D 236 -12.67 -2.57 -43.62
CA ASN D 236 -13.93 -3.26 -43.84
C ASN D 236 -13.95 -3.76 -45.29
N MET D 237 -14.74 -4.80 -45.52
CA MET D 237 -14.81 -5.44 -46.81
C MET D 237 -16.20 -6.06 -47.00
N ASP D 238 -16.63 -6.14 -48.25
CA ASP D 238 -17.89 -6.79 -48.56
C ASP D 238 -17.82 -8.27 -48.17
N MET D 239 -18.92 -8.76 -47.59
CA MET D 239 -18.96 -10.10 -46.99
C MET D 239 -20.34 -10.69 -47.23
N PRO D 240 -20.61 -11.16 -48.45
CA PRO D 240 -21.95 -11.73 -48.72
C PRO D 240 -22.20 -13.04 -48.01
N THR D 241 -21.17 -13.83 -47.74
CA THR D 241 -21.28 -15.06 -46.96
C THR D 241 -20.29 -15.01 -45.79
N SER D 242 -20.58 -15.82 -44.76
CA SER D 242 -19.63 -15.96 -43.67
C SER D 242 -18.38 -16.75 -44.04
N ASP D 243 -18.25 -17.17 -45.31
CA ASP D 243 -17.12 -18.00 -45.71
C ASP D 243 -15.82 -17.23 -45.70
N GLY D 244 -15.85 -15.92 -45.96
CA GLY D 244 -14.63 -15.17 -46.13
C GLY D 244 -14.21 -14.35 -44.93
N LEU D 245 -14.75 -14.66 -43.75
CA LEU D 245 -14.48 -13.85 -42.56
C LEU D 245 -12.99 -13.85 -42.21
N GLY D 246 -12.29 -14.95 -42.47
CA GLY D 246 -10.86 -14.99 -42.22
C GLY D 246 -10.06 -14.04 -43.06
N LEU D 247 -10.63 -13.56 -44.17
CA LEU D 247 -9.93 -12.62 -45.04
C LEU D 247 -9.75 -11.25 -44.40
N ARG D 248 -10.58 -10.91 -43.40
CA ARG D 248 -10.44 -9.62 -42.72
C ARG D 248 -9.03 -9.47 -42.15
N GLN D 249 -8.57 -10.46 -41.40
CA GLN D 249 -7.24 -10.43 -40.81
C GLN D 249 -6.18 -10.74 -41.86
N ALA D 250 -6.45 -11.68 -42.78
CA ALA D 250 -5.45 -12.09 -43.74
C ALA D 250 -5.08 -10.93 -44.68
N ILE D 251 -6.08 -10.23 -45.20
CA ILE D 251 -5.78 -9.10 -46.09
C ILE D 251 -5.07 -7.98 -45.32
N THR D 252 -5.53 -7.68 -44.10
CA THR D 252 -4.88 -6.62 -43.34
C THR D 252 -3.40 -6.92 -43.12
N LYS D 253 -3.08 -8.17 -42.75
CA LYS D 253 -1.68 -8.55 -42.50
C LYS D 253 -0.84 -8.46 -43.77
N GLU D 254 -1.41 -8.80 -44.94
CA GLU D 254 -0.68 -8.63 -46.19
C GLU D 254 -0.30 -7.18 -46.42
N VAL D 255 -1.20 -6.25 -46.10
CA VAL D 255 -0.87 -4.83 -46.18
C VAL D 255 0.21 -4.48 -45.16
N LEU D 256 0.05 -4.95 -43.92
CA LEU D 256 1.05 -4.65 -42.90
C LEU D 256 2.43 -5.16 -43.32
N LYS D 257 2.49 -6.35 -43.90
CA LYS D 257 3.77 -6.91 -44.34
C LYS D 257 4.35 -6.13 -45.51
N GLN D 258 3.50 -5.75 -46.48
CA GLN D 258 3.97 -4.96 -47.61
C GLN D 258 4.60 -3.65 -47.14
N GLU D 259 4.00 -3.01 -46.15
CA GLU D 259 4.51 -1.74 -45.64
C GLU D 259 5.63 -1.92 -44.62
N LYS D 260 6.17 -3.13 -44.46
CA LYS D 260 7.26 -3.44 -43.55
C LYS D 260 6.88 -3.22 -42.08
N ILE D 261 5.59 -3.23 -41.77
CA ILE D 261 5.16 -3.00 -40.40
C ILE D 261 5.35 -4.26 -39.57
N ILE D 262 4.99 -5.42 -40.12
CA ILE D 262 5.26 -6.71 -39.49
C ILE D 262 6.15 -7.51 -40.43
N PRO D 263 6.94 -8.45 -39.92
CA PRO D 263 7.83 -9.25 -40.78
C PRO D 263 7.07 -10.25 -41.66
CL CL E . 1.87 6.88 22.08
CL CL F . 14.93 21.70 13.21
C7 ID1 G . 13.10 25.21 16.40
C2 ID1 G . 13.79 25.65 20.94
C6 ID1 G . 14.12 25.81 17.34
C5 ID1 G . 14.09 24.98 18.60
C3 ID1 G . 12.52 25.34 20.23
O7 ID1 G . 12.00 25.73 16.24
C61 ID1 G . 15.47 25.81 16.65
O62 ID1 G . 16.38 26.68 17.33
C62 ID1 G . 15.33 26.28 15.21
N4 ID1 G . 12.71 24.89 19.06
C31 ID1 G . 11.13 25.51 20.77
O31 ID1 G . 10.96 25.62 22.01
O32 ID1 G . 10.18 25.55 19.95
S21 ID1 G . 13.71 27.30 21.70
C22 ID1 G . 15.39 27.70 22.28
C23 ID1 G . 15.41 27.64 23.81
N24 ID1 G . 14.71 28.80 24.35
C25 ID1 G . 15.02 29.17 25.52
N26 ID1 G . 14.42 30.21 26.07
C1 ID1 G . 14.80 25.61 19.80
CL CL H . -10.86 -7.92 30.78
C7 ID1 I . -10.75 -5.42 35.35
C2 ID1 I . -12.95 -1.51 36.50
C6 ID1 I . -12.14 -4.97 35.71
C5 ID1 I . -12.31 -3.53 35.25
C3 ID1 I . -11.48 -1.75 36.45
O7 ID1 I . -9.93 -5.64 36.23
C61 ID1 I . -13.11 -5.92 35.04
O62 ID1 I . -14.44 -5.70 35.53
C62 ID1 I . -12.71 -7.37 35.27
N4 ID1 I . -11.18 -2.74 35.72
C31 ID1 I . -10.40 -0.94 37.15
O31 ID1 I . -10.59 0.27 37.39
O32 ID1 I . -9.33 -1.52 37.46
S21 ID1 I . -13.57 -1.27 38.20
C22 ID1 I . -14.43 0.33 38.27
C23 ID1 I . -15.37 0.37 39.48
N24 ID1 I . -15.34 1.67 40.13
C25 ID1 I . -15.91 1.76 41.26
N26 ID1 I . -15.93 2.90 41.93
C1 ID1 I . -13.49 -2.80 35.88
CL CL J . -2.17 -6.78 -22.04
CL CL K . 17.77 -6.67 -14.20
C7 ID1 L . 18.72 -11.00 -16.96
C2 ID1 L . 19.76 -11.38 -21.33
C6 ID1 L . 19.88 -10.66 -17.86
C5 ID1 L . 19.31 -10.25 -19.20
C3 ID1 L . 18.59 -11.92 -20.60
O7 ID1 L . 18.66 -12.06 -16.37
C61 ID1 L . 20.64 -9.53 -17.20
O62 ID1 L . 21.81 -9.20 -17.96
C62 ID1 L . 21.06 -9.90 -15.79
N4 ID1 L . 18.29 -11.21 -19.58
C31 ID1 L . 17.81 -13.18 -20.95
O31 ID1 L . 17.64 -13.49 -22.16
O32 ID1 L . 17.39 -13.89 -20.01
S21 ID1 L . 21.01 -12.67 -21.66
C22 ID1 L . 22.41 -11.90 -22.49
C23 ID1 L . 22.44 -12.38 -23.93
N24 ID1 L . 23.76 -12.82 -24.30
C25 ID1 L . 23.87 -13.75 -25.15
N26 ID1 L . 22.76 -14.29 -25.68
C1 ID1 L . 20.32 -10.37 -20.35
CL CL M . -22.18 -6.78 -30.33
C7 ID1 N . -20.48 -9.00 -34.52
C2 ID1 N . -19.05 -13.27 -35.35
C6 ID1 N . -21.06 -10.36 -34.80
C5 ID1 N . -20.17 -11.42 -34.16
C3 ID1 N . -18.23 -12.03 -35.25
O7 ID1 N . -20.03 -8.32 -35.43
C61 ID1 N . -22.48 -10.39 -34.23
O62 ID1 N . -23.17 -11.58 -34.66
C62 ID1 N . -23.29 -9.18 -34.69
N4 ID1 N . -18.78 -11.13 -34.53
C31 ID1 N . -16.89 -11.77 -35.93
O31 ID1 N . -16.12 -12.72 -36.12
O32 ID1 N . -16.62 -10.59 -36.30
S21 ID1 N . -19.28 -13.80 -37.08
C22 ID1 N . -20.34 -15.27 -37.15
C23 ID1 N . -19.53 -16.47 -36.70
N24 ID1 N . -18.61 -16.86 -37.75
C25 ID1 N . -17.82 -17.82 -37.51
N26 ID1 N . -16.95 -18.19 -38.45
C1 ID1 N . -20.37 -12.83 -34.73
#